data_5F5P
#
_entry.id   5F5P
#
_cell.length_a   97.587
_cell.length_b   133.795
_cell.length_c   135.871
_cell.angle_alpha   90.00
_cell.angle_beta   90.00
_cell.angle_gamma   90.00
#
_symmetry.space_group_name_H-M   'P 21 21 21'
#
loop_
_entity.id
_entity.type
_entity.pdbx_description
1 polymer 'Protein Shroom2'
2 polymer 'Rho-associated protein kinase 1'
3 non-polymer 'CHLORIDE ION'
#
loop_
_entity_poly.entity_id
_entity_poly.type
_entity_poly.pdbx_seq_one_letter_code
_entity_poly.pdbx_strand_id
1 'polypeptide(L)'
;GIDPFTSDLDHDLSVKKQELIESISRKLQVLREARESLLEDVQANTVLGAEVEAIVKGVCKPSEFDKFRMFIGDLDKVVN
LLLSLSGRLARVENALNNLDDGASPGDRQSLLEKQRVLIQQHEDAKELKENLDRRERIVFDILANYLSEESLADYEHFVK
MKSALIIEQRELEDKIHLGEEQLKCLLDSLHSKRASSDPAANKARKEAELAAATAEQ
;
A,B,G,H
2 'polypeptide(L)'
;GIDPFTGNEGQMRELQDQLEAEQYFSTLYKTQVKELKEEIEEKNRENLKKIQELQNEKETLATQLDLAETKAESEQLARG
LLEEQY
;
C,D,E,F
#
# COMPACT_ATOMS: atom_id res chain seq x y z
N LEU A 9 -26.44 8.78 41.62
CA LEU A 9 -26.37 8.38 40.22
C LEU A 9 -25.59 7.08 40.06
N ASP A 10 -24.66 6.82 40.99
CA ASP A 10 -23.83 5.62 40.89
C ASP A 10 -24.69 4.37 40.87
N HIS A 11 -25.75 4.34 41.69
CA HIS A 11 -26.67 3.20 41.68
C HIS A 11 -27.16 2.90 40.26
N ASP A 12 -27.67 3.93 39.59
CA ASP A 12 -28.17 3.77 38.22
C ASP A 12 -27.13 3.10 37.32
N LEU A 13 -25.89 3.58 37.39
CA LEU A 13 -24.83 3.02 36.55
C LEU A 13 -24.56 1.56 36.88
N SER A 14 -24.41 1.26 38.18
CA SER A 14 -24.13 -0.12 38.58
C SER A 14 -25.22 -1.08 38.11
N VAL A 15 -26.48 -0.73 38.38
CA VAL A 15 -27.58 -1.60 37.97
C VAL A 15 -27.60 -1.73 36.46
N LYS A 16 -27.25 -0.66 35.75
CA LYS A 16 -27.14 -0.74 34.29
C LYS A 16 -26.12 -1.78 33.89
N LYS A 17 -24.94 -1.75 34.52
CA LYS A 17 -23.92 -2.77 34.27
C LYS A 17 -24.52 -4.16 34.47
N GLN A 18 -25.23 -4.36 35.57
CA GLN A 18 -25.79 -5.68 35.85
C GLN A 18 -26.77 -6.10 34.76
N GLU A 19 -27.64 -5.18 34.33
CA GLU A 19 -28.56 -5.47 33.25
C GLU A 19 -27.82 -5.94 32.01
N LEU A 20 -26.83 -5.16 31.56
CA LEU A 20 -26.07 -5.55 30.38
C LEU A 20 -25.46 -6.93 30.55
N ILE A 21 -24.82 -7.19 31.69
CA ILE A 21 -24.19 -8.48 31.93
C ILE A 21 -25.22 -9.60 31.77
N GLU A 22 -26.36 -9.46 32.43
CA GLU A 22 -27.39 -10.50 32.36
C GLU A 22 -27.84 -10.73 30.93
N SER A 23 -28.12 -9.66 30.19
CA SER A 23 -28.54 -9.79 28.81
C SER A 23 -27.51 -10.57 27.99
N ILE A 24 -26.25 -10.14 28.04
CA ILE A 24 -25.21 -10.79 27.25
C ILE A 24 -25.11 -12.26 27.64
N SER A 25 -25.18 -12.55 28.95
CA SER A 25 -25.14 -13.94 29.39
C SER A 25 -26.27 -14.74 28.77
N ARG A 26 -27.48 -14.17 28.73
CA ARG A 26 -28.59 -14.84 28.06
C ARG A 26 -28.24 -15.15 26.60
N LYS A 27 -27.78 -14.13 25.87
CA LYS A 27 -27.40 -14.36 24.48
C LYS A 27 -26.42 -15.53 24.37
N LEU A 28 -25.43 -15.57 25.26
CA LEU A 28 -24.47 -16.67 25.25
C LEU A 28 -25.15 -18.01 25.46
N GLN A 29 -26.11 -18.08 26.40
CA GLN A 29 -26.82 -19.32 26.65
C GLN A 29 -27.56 -19.79 25.39
N VAL A 30 -28.39 -18.92 24.81
CA VAL A 30 -29.13 -19.30 23.61
C VAL A 30 -28.19 -19.74 22.51
N LEU A 31 -27.09 -19.01 22.31
CA LEU A 31 -26.12 -19.41 21.29
C LEU A 31 -25.55 -20.79 21.56
N ARG A 32 -25.32 -21.12 22.83
CA ARG A 32 -24.81 -22.45 23.17
C ARG A 32 -25.84 -23.52 22.82
N GLU A 33 -27.10 -23.30 23.19
CA GLU A 33 -28.16 -24.22 22.80
C GLU A 33 -28.15 -24.42 21.29
N ALA A 34 -28.05 -23.32 20.54
CA ALA A 34 -27.96 -23.40 19.09
C ALA A 34 -26.76 -24.25 18.68
N ARG A 35 -25.66 -24.18 19.42
CA ARG A 35 -24.51 -25.03 19.11
C ARG A 35 -24.87 -26.50 19.22
N GLU A 36 -25.60 -26.86 20.28
CA GLU A 36 -25.97 -28.27 20.46
C GLU A 36 -26.89 -28.75 19.35
N SER A 37 -27.97 -28.00 19.10
CA SER A 37 -28.90 -28.39 18.04
C SER A 37 -28.18 -28.50 16.69
N LEU A 38 -27.40 -27.48 16.34
CA LEU A 38 -26.66 -27.51 15.09
C LEU A 38 -25.71 -28.69 15.03
N LEU A 39 -25.14 -29.09 16.17
CA LEU A 39 -24.28 -30.26 16.20
C LEU A 39 -25.06 -31.53 15.89
N GLU A 40 -26.25 -31.68 16.48
CA GLU A 40 -27.10 -32.80 16.07
C GLU A 40 -27.31 -32.79 14.56
N ASP A 41 -27.55 -31.61 13.99
CA ASP A 41 -27.74 -31.52 12.55
C ASP A 41 -26.50 -31.99 11.79
N VAL A 42 -25.30 -31.59 12.22
CA VAL A 42 -24.09 -32.03 11.52
C VAL A 42 -23.95 -33.55 11.61
N GLN A 43 -24.28 -34.13 12.76
CA GLN A 43 -24.25 -35.58 12.86
C GLN A 43 -25.17 -36.21 11.81
N ALA A 44 -26.42 -35.75 11.74
CA ALA A 44 -27.36 -36.32 10.78
C ALA A 44 -26.83 -36.20 9.35
N ASN A 45 -26.37 -35.00 8.97
CA ASN A 45 -25.86 -34.82 7.61
C ASN A 45 -24.67 -35.72 7.35
N THR A 46 -23.86 -35.99 8.37
CA THR A 46 -22.73 -36.89 8.20
C THR A 46 -23.22 -38.30 7.91
N VAL A 47 -24.22 -38.77 8.65
CA VAL A 47 -24.77 -40.10 8.38
C VAL A 47 -25.30 -40.18 6.96
N LEU A 48 -26.08 -39.19 6.54
CA LEU A 48 -26.54 -39.16 5.15
C LEU A 48 -25.37 -39.26 4.18
N GLY A 49 -24.27 -38.56 4.49
CA GLY A 49 -23.10 -38.62 3.64
C GLY A 49 -22.53 -40.02 3.54
N ALA A 50 -22.38 -40.70 4.68
CA ALA A 50 -21.90 -42.08 4.67
C ALA A 50 -22.80 -42.96 3.81
N GLU A 51 -24.11 -42.79 3.94
CA GLU A 51 -25.03 -43.58 3.12
C GLU A 51 -24.76 -43.34 1.64
N VAL A 52 -24.72 -42.08 1.23
CA VAL A 52 -24.46 -41.76 -0.18
C VAL A 52 -23.16 -42.41 -0.64
N GLU A 53 -22.10 -42.30 0.18
CA GLU A 53 -20.82 -42.91 -0.20
C GLU A 53 -20.96 -44.42 -0.41
N ALA A 54 -21.71 -45.09 0.47
CA ALA A 54 -21.92 -46.52 0.32
C ALA A 54 -22.63 -46.82 -0.99
N ILE A 55 -23.71 -46.10 -1.28
CA ILE A 55 -24.46 -46.35 -2.51
C ILE A 55 -23.57 -46.16 -3.74
N VAL A 56 -22.77 -45.09 -3.75
CA VAL A 56 -21.95 -44.79 -4.92
C VAL A 56 -20.84 -45.81 -5.11
N LYS A 57 -20.24 -46.32 -4.03
CA LYS A 57 -19.19 -47.32 -4.20
C LYS A 57 -19.66 -48.49 -5.06
N GLY A 58 -20.92 -48.88 -4.94
CA GLY A 58 -21.40 -50.03 -5.71
C GLY A 58 -21.54 -49.71 -7.18
N VAL A 59 -22.16 -48.59 -7.52
CA VAL A 59 -22.44 -48.28 -8.91
C VAL A 59 -21.22 -47.69 -9.61
N CYS A 60 -20.39 -46.94 -8.88
CA CYS A 60 -19.33 -46.15 -9.50
C CYS A 60 -18.07 -47.00 -9.66
N LYS A 61 -17.46 -46.92 -10.84
CA LYS A 61 -16.18 -47.54 -11.11
C LYS A 61 -15.11 -46.91 -10.21
N PRO A 62 -13.92 -47.52 -10.10
CA PRO A 62 -12.93 -46.97 -9.14
C PRO A 62 -12.50 -45.54 -9.45
N SER A 63 -12.27 -45.20 -10.72
CA SER A 63 -11.86 -43.84 -11.05
C SER A 63 -12.92 -42.83 -10.65
N GLU A 64 -14.17 -43.08 -11.06
CA GLU A 64 -15.27 -42.19 -10.68
C GLU A 64 -15.32 -42.00 -9.17
N PHE A 65 -15.15 -43.08 -8.41
CA PHE A 65 -15.25 -42.99 -6.96
C PHE A 65 -14.09 -42.19 -6.38
N ASP A 66 -12.88 -42.39 -6.92
CA ASP A 66 -11.74 -41.63 -6.44
C ASP A 66 -11.92 -40.14 -6.71
N LYS A 67 -12.47 -39.80 -7.88
CA LYS A 67 -12.78 -38.41 -8.18
C LYS A 67 -13.85 -37.87 -7.24
N PHE A 68 -14.79 -38.71 -6.83
CA PHE A 68 -15.83 -38.34 -5.89
C PHE A 68 -15.25 -38.01 -4.52
N ARG A 69 -14.56 -38.97 -3.90
CA ARG A 69 -13.98 -38.78 -2.58
C ARG A 69 -12.99 -37.62 -2.59
N MET A 70 -12.06 -37.63 -3.54
CA MET A 70 -11.17 -36.49 -3.75
C MET A 70 -11.97 -35.19 -3.78
N PHE A 71 -13.10 -35.19 -4.49
CA PHE A 71 -13.91 -33.98 -4.59
C PHE A 71 -14.38 -33.52 -3.22
N ILE A 72 -15.01 -34.40 -2.44
CA ILE A 72 -15.56 -33.97 -1.16
C ILE A 72 -14.45 -33.49 -0.23
N GLY A 73 -13.37 -34.27 -0.14
CA GLY A 73 -12.23 -33.84 0.68
C GLY A 73 -11.77 -32.44 0.30
N ASP A 74 -11.59 -32.20 -1.00
CA ASP A 74 -11.21 -30.87 -1.45
C ASP A 74 -12.26 -29.84 -1.10
N LEU A 75 -13.54 -30.24 -1.05
CA LEU A 75 -14.59 -29.31 -0.65
C LEU A 75 -14.35 -28.83 0.78
N ASP A 76 -14.31 -29.78 1.72
CA ASP A 76 -14.07 -29.44 3.11
C ASP A 76 -12.83 -28.55 3.24
N LYS A 77 -11.72 -28.97 2.63
CA LYS A 77 -10.48 -28.20 2.72
C LYS A 77 -10.65 -26.79 2.17
N VAL A 78 -11.33 -26.66 1.03
CA VAL A 78 -11.53 -25.36 0.41
C VAL A 78 -12.32 -24.45 1.33
N VAL A 79 -13.46 -24.93 1.83
CA VAL A 79 -14.28 -24.11 2.71
C VAL A 79 -13.46 -23.63 3.90
N ASN A 80 -12.86 -24.56 4.64
CA ASN A 80 -12.06 -24.16 5.79
C ASN A 80 -10.98 -23.16 5.41
N LEU A 81 -10.40 -23.31 4.21
CA LEU A 81 -9.39 -22.37 3.75
C LEU A 81 -9.97 -20.97 3.61
N LEU A 82 -11.09 -20.85 2.89
CA LEU A 82 -11.69 -19.53 2.67
C LEU A 82 -12.11 -18.89 3.97
N LEU A 83 -12.54 -19.69 4.96
CA LEU A 83 -12.98 -19.11 6.22
C LEU A 83 -11.81 -18.64 7.08
N SER A 84 -10.74 -19.44 7.17
CA SER A 84 -9.57 -18.98 7.91
C SER A 84 -8.92 -17.78 7.25
N LEU A 85 -8.82 -17.81 5.92
CA LEU A 85 -8.20 -16.72 5.18
C LEU A 85 -9.01 -15.44 5.34
N SER A 86 -10.31 -15.51 5.06
CA SER A 86 -11.17 -14.35 5.26
C SER A 86 -11.12 -13.87 6.70
N GLY A 87 -10.95 -14.79 7.63
CA GLY A 87 -10.78 -14.43 9.03
C GLY A 87 -9.58 -13.53 9.24
N ARG A 88 -8.40 -13.99 8.83
CA ARG A 88 -7.20 -13.17 9.03
C ARG A 88 -7.34 -11.84 8.30
N LEU A 89 -7.91 -11.86 7.09
CA LEU A 89 -8.10 -10.62 6.36
C LEU A 89 -8.98 -9.64 7.15
N ALA A 90 -10.07 -10.13 7.74
CA ALA A 90 -10.92 -9.27 8.54
C ALA A 90 -10.19 -8.71 9.75
N ARG A 91 -9.42 -9.56 10.44
CA ARG A 91 -8.68 -9.10 11.61
C ARG A 91 -7.70 -7.99 11.23
N VAL A 92 -6.86 -8.23 10.22
CA VAL A 92 -5.92 -7.21 9.78
C VAL A 92 -6.67 -5.94 9.35
N GLU A 93 -7.83 -6.12 8.72
CA GLU A 93 -8.62 -4.98 8.26
C GLU A 93 -9.06 -4.10 9.43
N ASN A 94 -9.62 -4.72 10.47
CA ASN A 94 -10.06 -3.94 11.62
C ASN A 94 -8.87 -3.34 12.38
N ALA A 95 -7.73 -4.04 12.38
CA ALA A 95 -6.54 -3.50 13.01
C ALA A 95 -6.08 -2.23 12.30
N LEU A 96 -6.00 -2.29 10.97
CA LEU A 96 -5.62 -1.10 10.20
C LEU A 96 -6.63 0.02 10.43
N ASN A 97 -7.92 -0.31 10.45
CA ASN A 97 -8.94 0.71 10.66
C ASN A 97 -8.74 1.42 11.99
N ASN A 98 -8.84 0.69 13.10
CA ASN A 98 -8.79 1.32 14.40
C ASN A 98 -7.38 1.69 14.85
N LEU A 99 -6.36 1.41 14.02
CA LEU A 99 -5.00 1.78 14.38
C LEU A 99 -4.89 3.29 14.61
N ASP A 100 -4.13 3.67 15.63
CA ASP A 100 -4.01 5.07 15.99
C ASP A 100 -3.31 5.86 14.89
N ASP A 101 -3.76 7.10 14.69
CA ASP A 101 -3.13 7.98 13.71
C ASP A 101 -1.68 8.24 14.08
N GLY A 102 -0.84 8.42 13.06
CA GLY A 102 0.57 8.66 13.27
C GLY A 102 1.32 7.42 13.70
N ALA A 103 1.66 7.35 14.99
CA ALA A 103 2.43 6.22 15.52
C ALA A 103 3.66 5.97 14.66
N SER A 104 3.65 4.93 13.84
CA SER A 104 4.75 4.62 12.94
C SER A 104 4.21 4.40 11.52
N PRO A 105 4.87 4.98 10.50
CA PRO A 105 4.41 4.76 9.13
C PRO A 105 4.79 3.37 8.61
N GLY A 106 5.96 2.88 9.01
CA GLY A 106 6.38 1.54 8.61
C GLY A 106 5.41 0.47 9.08
N ASP A 107 4.78 0.68 10.24
CA ASP A 107 3.76 -0.26 10.71
C ASP A 107 2.56 -0.24 9.78
N ARG A 108 2.06 0.95 9.44
CA ARG A 108 0.95 1.05 8.51
C ARG A 108 1.29 0.40 7.17
N GLN A 109 2.54 0.54 6.73
CA GLN A 109 2.95 -0.07 5.47
C GLN A 109 3.01 -1.58 5.58
N SER A 110 3.52 -2.11 6.69
CA SER A 110 3.57 -3.55 6.86
C SER A 110 2.17 -4.14 6.91
N LEU A 111 1.25 -3.45 7.60
CA LEU A 111 -0.12 -3.94 7.69
C LEU A 111 -0.78 -3.90 6.32
N LEU A 112 -0.53 -2.81 5.57
CA LEU A 112 -1.04 -2.72 4.21
C LEU A 112 -0.52 -3.88 3.37
N GLU A 113 0.75 -4.23 3.53
CA GLU A 113 1.31 -5.37 2.80
C GLU A 113 0.57 -6.64 3.17
N LYS A 114 0.32 -6.87 4.47
CA LYS A 114 -0.48 -8.03 4.85
C LYS A 114 -1.82 -8.01 4.12
N GLN A 115 -2.45 -6.84 4.05
CA GLN A 115 -3.70 -6.71 3.31
C GLN A 115 -3.54 -7.13 1.85
N ARG A 116 -2.45 -6.69 1.22
CA ARG A 116 -2.19 -7.05 -0.18
C ARG A 116 -2.07 -8.55 -0.34
N VAL A 117 -1.13 -9.16 0.38
CA VAL A 117 -0.89 -10.60 0.21
C VAL A 117 -2.15 -11.41 0.51
N LEU A 118 -2.90 -11.00 1.52
CA LEU A 118 -4.13 -11.73 1.84
C LEU A 118 -5.17 -11.59 0.73
N ILE A 119 -5.30 -10.40 0.14
CA ILE A 119 -6.29 -10.22 -0.93
C ILE A 119 -5.88 -11.04 -2.16
N GLN A 120 -4.60 -11.04 -2.50
CA GLN A 120 -4.13 -11.89 -3.60
C GLN A 120 -4.43 -13.36 -3.34
N GLN A 121 -4.07 -13.83 -2.14
CA GLN A 121 -4.42 -15.20 -1.77
C GLN A 121 -5.91 -15.44 -1.92
N HIS A 122 -6.72 -14.43 -1.61
CA HIS A 122 -8.16 -14.56 -1.76
C HIS A 122 -8.54 -14.77 -3.22
N GLU A 123 -7.91 -14.03 -4.13
CA GLU A 123 -8.21 -14.23 -5.55
C GLU A 123 -7.83 -15.63 -5.99
N ASP A 124 -6.62 -16.08 -5.63
CA ASP A 124 -6.21 -17.44 -5.95
C ASP A 124 -7.26 -18.44 -5.46
N ALA A 125 -7.66 -18.32 -4.19
CA ALA A 125 -8.68 -19.20 -3.64
C ALA A 125 -9.97 -19.11 -4.43
N LYS A 126 -10.28 -17.93 -4.99
CA LYS A 126 -11.46 -17.77 -5.82
C LYS A 126 -11.37 -18.66 -7.06
N GLU A 127 -10.29 -18.50 -7.84
CA GLU A 127 -10.08 -19.39 -8.97
C GLU A 127 -10.23 -20.85 -8.55
N LEU A 128 -9.67 -21.20 -7.39
CA LEU A 128 -9.79 -22.57 -6.91
C LEU A 128 -11.25 -22.96 -6.72
N LYS A 129 -12.06 -22.04 -6.18
CA LYS A 129 -13.49 -22.29 -6.06
C LYS A 129 -14.11 -22.58 -7.42
N GLU A 130 -13.75 -21.79 -8.43
CA GLU A 130 -14.28 -22.03 -9.77
C GLU A 130 -13.95 -23.44 -10.24
N ASN A 131 -12.68 -23.83 -10.19
CA ASN A 131 -12.29 -25.16 -10.64
C ASN A 131 -13.04 -26.23 -9.87
N LEU A 132 -13.17 -26.06 -8.55
CA LEU A 132 -13.86 -27.06 -7.74
C LEU A 132 -15.31 -27.20 -8.18
N ASP A 133 -15.96 -26.08 -8.49
CA ASP A 133 -17.32 -26.16 -9.00
C ASP A 133 -17.37 -26.93 -10.32
N ARG A 134 -16.39 -26.68 -11.19
CA ARG A 134 -16.27 -27.50 -12.40
C ARG A 134 -16.27 -28.98 -12.05
N ARG A 135 -15.42 -29.38 -11.10
CA ARG A 135 -15.42 -30.78 -10.66
C ARG A 135 -16.81 -31.21 -10.20
N GLU A 136 -17.51 -30.34 -9.47
CA GLU A 136 -18.83 -30.72 -8.95
C GLU A 136 -19.79 -31.02 -10.09
N ARG A 137 -19.83 -30.16 -11.11
CA ARG A 137 -20.70 -30.44 -12.24
C ARG A 137 -20.26 -31.70 -12.97
N ILE A 138 -18.96 -32.00 -12.97
CA ILE A 138 -18.48 -33.20 -13.65
C ILE A 138 -19.02 -34.44 -12.95
N VAL A 139 -18.82 -34.52 -11.63
CA VAL A 139 -19.32 -35.66 -10.86
C VAL A 139 -20.84 -35.72 -10.94
N PHE A 140 -21.50 -34.56 -10.92
CA PHE A 140 -22.95 -34.53 -11.02
C PHE A 140 -23.42 -35.16 -12.33
N ASP A 141 -22.79 -34.77 -13.46
CA ASP A 141 -23.21 -35.30 -14.74
C ASP A 141 -22.91 -36.79 -14.87
N ILE A 142 -21.76 -37.24 -14.35
CA ILE A 142 -21.42 -38.66 -14.45
C ILE A 142 -22.36 -39.49 -13.59
N LEU A 143 -22.56 -39.07 -12.34
CA LEU A 143 -23.37 -39.83 -11.39
C LEU A 143 -24.85 -39.79 -11.75
N ALA A 144 -25.30 -38.74 -12.45
CA ALA A 144 -26.71 -38.66 -12.84
C ALA A 144 -27.14 -39.90 -13.61
N ASN A 145 -26.25 -40.44 -14.44
CA ASN A 145 -26.59 -41.61 -15.24
C ASN A 145 -26.65 -42.87 -14.39
N TYR A 146 -25.79 -42.97 -13.38
CA TYR A 146 -25.62 -44.21 -12.64
C TYR A 146 -26.72 -44.42 -11.59
N LEU A 147 -27.15 -43.36 -10.90
CA LEU A 147 -27.96 -43.50 -9.70
C LEU A 147 -29.39 -43.03 -9.94
N SER A 148 -30.27 -43.40 -9.00
CA SER A 148 -31.66 -43.01 -9.06
C SER A 148 -31.82 -41.51 -8.80
N GLU A 149 -33.02 -41.01 -9.09
CA GLU A 149 -33.30 -39.58 -8.91
C GLU A 149 -33.49 -39.21 -7.44
N GLU A 150 -34.13 -40.08 -6.65
CA GLU A 150 -34.34 -39.79 -5.24
C GLU A 150 -33.02 -39.77 -4.49
N SER A 151 -32.26 -40.86 -4.59
CA SER A 151 -30.93 -40.90 -3.98
C SER A 151 -30.06 -39.74 -4.48
N LEU A 152 -30.25 -39.35 -5.74
CA LEU A 152 -29.50 -38.21 -6.27
C LEU A 152 -29.88 -36.93 -5.55
N ALA A 153 -31.18 -36.67 -5.38
CA ALA A 153 -31.62 -35.51 -4.61
C ALA A 153 -31.02 -35.52 -3.20
N ASP A 154 -31.03 -36.68 -2.55
CA ASP A 154 -30.43 -36.79 -1.23
C ASP A 154 -28.94 -36.45 -1.28
N TYR A 155 -28.25 -36.87 -2.35
CA TYR A 155 -26.84 -36.58 -2.50
C TYR A 155 -26.59 -35.08 -2.63
N GLU A 156 -27.27 -34.43 -3.57
CA GLU A 156 -27.08 -33.00 -3.77
C GLU A 156 -27.38 -32.23 -2.50
N HIS A 157 -28.53 -32.50 -1.88
CA HIS A 157 -28.84 -31.89 -0.59
C HIS A 157 -27.69 -32.09 0.39
N PHE A 158 -27.12 -33.29 0.43
CA PHE A 158 -26.02 -33.53 1.37
C PHE A 158 -24.81 -32.67 1.06
N VAL A 159 -24.36 -32.67 -0.20
CA VAL A 159 -23.14 -31.94 -0.53
C VAL A 159 -23.29 -30.47 -0.19
N LYS A 160 -24.38 -29.84 -0.63
CA LYS A 160 -24.56 -28.42 -0.30
C LYS A 160 -24.63 -28.21 1.21
N MET A 161 -25.35 -29.11 1.91
CA MET A 161 -25.50 -28.99 3.34
C MET A 161 -24.16 -29.09 4.08
N LYS A 162 -23.20 -29.84 3.55
CA LYS A 162 -21.92 -29.96 4.23
C LYS A 162 -21.23 -28.61 4.29
N SER A 163 -21.03 -27.96 3.15
CA SER A 163 -20.34 -26.68 3.12
C SER A 163 -21.12 -25.62 3.88
N ALA A 164 -22.39 -25.43 3.52
CA ALA A 164 -23.18 -24.39 4.19
C ALA A 164 -23.20 -24.60 5.69
N LEU A 165 -23.31 -25.85 6.12
CA LEU A 165 -23.37 -26.15 7.55
C LEU A 165 -22.04 -25.86 8.23
N ILE A 166 -20.92 -26.21 7.56
CA ILE A 166 -19.61 -25.92 8.14
C ILE A 166 -19.45 -24.42 8.35
N ILE A 167 -19.84 -23.62 7.36
CA ILE A 167 -19.73 -22.17 7.51
C ILE A 167 -20.59 -21.70 8.67
N GLU A 168 -21.88 -22.05 8.66
CA GLU A 168 -22.77 -21.66 9.75
C GLU A 168 -22.12 -21.96 11.10
N GLN A 169 -21.56 -23.16 11.25
CA GLN A 169 -20.93 -23.54 12.51
C GLN A 169 -19.79 -22.59 12.86
N ARG A 170 -18.90 -22.31 11.91
CA ARG A 170 -17.75 -21.48 12.23
C ARG A 170 -18.15 -20.05 12.57
N GLU A 171 -19.05 -19.45 11.78
CA GLU A 171 -19.52 -18.11 12.11
C GLU A 171 -20.12 -18.07 13.51
N LEU A 172 -21.02 -19.00 13.82
CA LEU A 172 -21.61 -19.04 15.15
C LEU A 172 -20.52 -19.12 16.22
N GLU A 173 -19.55 -20.01 16.01
CA GLU A 173 -18.46 -20.13 16.97
C GLU A 173 -17.76 -18.79 17.19
N ASP A 174 -17.54 -18.04 16.12
CA ASP A 174 -16.93 -16.72 16.26
C ASP A 174 -17.80 -15.79 17.10
N LYS A 175 -19.10 -15.72 16.80
CA LYS A 175 -19.97 -14.85 17.58
C LYS A 175 -19.93 -15.20 19.06
N ILE A 176 -20.13 -16.47 19.40
CA ILE A 176 -20.13 -16.87 20.81
C ILE A 176 -18.80 -16.51 21.47
N HIS A 177 -17.69 -16.79 20.78
CA HIS A 177 -16.38 -16.44 21.33
C HIS A 177 -16.31 -14.95 21.66
N LEU A 178 -16.72 -14.10 20.72
CA LEU A 178 -16.64 -12.66 20.95
C LEU A 178 -17.50 -12.26 22.14
N GLY A 179 -18.76 -12.69 22.15
CA GLY A 179 -19.63 -12.37 23.27
C GLY A 179 -19.02 -12.76 24.60
N GLU A 180 -18.43 -13.97 24.66
CA GLU A 180 -17.75 -14.39 25.87
C GLU A 180 -16.60 -13.46 26.21
N GLU A 181 -15.89 -12.96 25.20
CA GLU A 181 -14.77 -12.05 25.47
C GLU A 181 -15.26 -10.76 26.10
N GLN A 182 -16.18 -10.05 25.43
CA GLN A 182 -16.69 -8.80 25.99
C GLN A 182 -17.27 -9.03 27.38
N LEU A 183 -17.98 -10.14 27.58
CA LEU A 183 -18.48 -10.48 28.91
C LEU A 183 -17.36 -10.55 29.94
N LYS A 184 -16.31 -11.32 29.64
CA LYS A 184 -15.19 -11.45 30.58
C LYS A 184 -14.58 -10.09 30.90
N CYS A 185 -14.24 -9.33 29.86
CA CYS A 185 -13.65 -8.01 30.06
C CYS A 185 -14.55 -7.15 30.94
N LEU A 186 -15.87 -7.24 30.75
CA LEU A 186 -16.78 -6.41 31.51
C LEU A 186 -16.84 -6.86 32.97
N LEU A 187 -16.79 -8.18 33.20
CA LEU A 187 -16.85 -8.68 34.58
C LEU A 187 -15.60 -8.29 35.35
N ASP A 188 -14.44 -8.26 34.68
CA ASP A 188 -13.21 -7.87 35.35
C ASP A 188 -13.36 -6.51 36.05
N SER A 189 -14.24 -5.65 35.55
CA SER A 189 -14.45 -4.34 36.15
C SER A 189 -15.09 -4.49 37.52
N ASP B 8 48.54 -25.93 38.69
CA ASP B 8 47.97 -24.77 38.04
C ASP B 8 47.62 -25.06 36.59
N LEU B 9 46.94 -26.19 36.37
CA LEU B 9 46.49 -26.55 35.03
C LEU B 9 45.45 -25.57 34.49
N ASP B 10 44.94 -24.66 35.31
CA ASP B 10 44.07 -23.61 34.80
C ASP B 10 44.76 -22.82 33.69
N HIS B 11 46.06 -22.54 33.86
CA HIS B 11 46.84 -21.93 32.78
C HIS B 11 46.78 -22.78 31.52
N ASP B 12 47.04 -24.08 31.64
CA ASP B 12 47.01 -24.96 30.48
C ASP B 12 45.68 -24.82 29.73
N LEU B 13 44.57 -24.87 30.46
CA LEU B 13 43.25 -24.75 29.84
C LEU B 13 43.08 -23.40 29.18
N SER B 14 43.46 -22.31 29.87
CA SER B 14 43.29 -20.98 29.31
C SER B 14 44.05 -20.84 27.99
N VAL B 15 45.32 -21.24 27.96
CA VAL B 15 46.09 -21.13 26.72
C VAL B 15 45.47 -22.02 25.64
N LYS B 16 44.94 -23.17 26.03
CA LYS B 16 44.25 -24.01 25.06
C LYS B 16 43.11 -23.25 24.40
N LYS B 17 42.29 -22.57 25.22
CA LYS B 17 41.24 -21.72 24.69
C LYS B 17 41.82 -20.69 23.73
N GLN B 18 42.72 -19.83 24.22
CA GLN B 18 43.26 -18.75 23.40
C GLN B 18 43.70 -19.26 22.03
N GLU B 19 44.45 -20.35 22.00
CA GLU B 19 44.84 -20.96 20.74
C GLU B 19 43.62 -21.28 19.89
N LEU B 20 42.64 -21.98 20.47
CA LEU B 20 41.45 -22.38 19.72
C LEU B 20 40.76 -21.17 19.09
N ILE B 21 40.47 -20.14 19.90
CA ILE B 21 39.79 -18.96 19.40
C ILE B 21 40.60 -18.31 18.28
N GLU B 22 41.92 -18.23 18.43
CA GLU B 22 42.74 -17.67 17.36
C GLU B 22 42.52 -18.45 16.06
N SER B 23 42.63 -19.77 16.13
CA SER B 23 42.38 -20.60 14.95
C SER B 23 41.03 -20.26 14.31
N ILE B 24 39.97 -20.26 15.11
CA ILE B 24 38.63 -20.00 14.55
C ILE B 24 38.59 -18.64 13.89
N SER B 25 39.21 -17.63 14.50
CA SER B 25 39.24 -16.32 13.87
C SER B 25 39.87 -16.38 12.49
N ARG B 26 41.01 -17.08 12.38
CA ARG B 26 41.66 -17.23 11.08
C ARG B 26 40.71 -17.87 10.07
N LYS B 27 40.23 -19.08 10.36
CA LYS B 27 39.37 -19.78 9.41
C LYS B 27 38.18 -18.92 9.02
N LEU B 28 37.58 -18.23 9.99
CA LEU B 28 36.46 -17.34 9.72
C LEU B 28 36.85 -16.26 8.71
N GLN B 29 38.05 -15.71 8.86
CA GLN B 29 38.53 -14.73 7.89
C GLN B 29 38.59 -15.35 6.49
N VAL B 30 39.20 -16.53 6.39
CA VAL B 30 39.30 -17.19 5.08
C VAL B 30 37.92 -17.35 4.46
N LEU B 31 36.95 -17.81 5.26
CA LEU B 31 35.58 -17.99 4.75
C LEU B 31 35.00 -16.67 4.27
N ARG B 32 35.27 -15.58 4.99
CA ARG B 32 34.74 -14.28 4.58
C ARG B 32 35.31 -13.85 3.23
N GLU B 33 36.63 -13.92 3.08
CA GLU B 33 37.25 -13.56 1.80
C GLU B 33 36.68 -14.40 0.66
N ALA B 34 36.61 -15.73 0.86
CA ALA B 34 36.04 -16.59 -0.17
C ALA B 34 34.61 -16.16 -0.49
N ARG B 35 33.85 -15.73 0.52
CA ARG B 35 32.50 -15.25 0.28
C ARG B 35 32.53 -14.00 -0.59
N GLU B 36 33.51 -13.12 -0.38
CA GLU B 36 33.61 -11.93 -1.22
C GLU B 36 33.83 -12.31 -2.68
N SER B 37 34.81 -13.19 -2.93
CA SER B 37 35.02 -13.64 -4.30
C SER B 37 33.74 -14.21 -4.89
N LEU B 38 33.05 -15.06 -4.12
CA LEU B 38 31.79 -15.62 -4.59
C LEU B 38 30.79 -14.51 -4.91
N LEU B 39 30.84 -13.40 -4.17
CA LEU B 39 29.94 -12.28 -4.47
C LEU B 39 30.27 -11.67 -5.82
N GLU B 40 31.55 -11.47 -6.12
CA GLU B 40 31.91 -11.04 -7.47
C GLU B 40 31.34 -12.00 -8.51
N ASP B 41 31.43 -13.31 -8.25
CA ASP B 41 30.90 -14.29 -9.19
C ASP B 41 29.40 -14.14 -9.39
N VAL B 42 28.63 -13.96 -8.30
CA VAL B 42 27.18 -13.84 -8.44
C VAL B 42 26.83 -12.57 -9.23
N GLN B 43 27.55 -11.48 -9.01
CA GLN B 43 27.23 -10.26 -9.76
C GLN B 43 27.50 -10.47 -11.25
N ALA B 44 28.73 -10.88 -11.60
CA ALA B 44 29.05 -11.10 -13.01
C ALA B 44 28.03 -12.03 -13.66
N ASN B 45 27.72 -13.15 -13.01
CA ASN B 45 26.77 -14.10 -13.57
C ASN B 45 25.37 -13.49 -13.72
N THR B 46 25.00 -12.58 -12.82
CA THR B 46 23.69 -11.94 -12.92
C THR B 46 23.62 -11.03 -14.15
N VAL B 47 24.65 -10.22 -14.36
CA VAL B 47 24.68 -9.36 -15.54
C VAL B 47 24.63 -10.20 -16.81
N LEU B 48 25.46 -11.25 -16.85
CA LEU B 48 25.41 -12.18 -17.97
C LEU B 48 23.99 -12.70 -18.17
N GLY B 49 23.29 -12.98 -17.07
CA GLY B 49 21.91 -13.42 -17.17
C GLY B 49 21.02 -12.40 -17.85
N ALA B 50 21.17 -11.13 -17.46
CA ALA B 50 20.40 -10.08 -18.13
C ALA B 50 20.66 -10.09 -19.63
N GLU B 51 21.93 -10.26 -20.02
CA GLU B 51 22.25 -10.33 -21.44
C GLU B 51 21.50 -11.46 -22.13
N VAL B 52 21.62 -12.68 -21.60
CA VAL B 52 20.94 -13.82 -22.20
C VAL B 52 19.44 -13.53 -22.33
N GLU B 53 18.84 -12.99 -21.27
CA GLU B 53 17.42 -12.66 -21.31
C GLU B 53 17.11 -11.72 -22.46
N ALA B 54 17.98 -10.73 -22.70
CA ALA B 54 17.76 -9.82 -23.82
C ALA B 54 17.79 -10.58 -25.15
N ILE B 55 18.82 -11.40 -25.36
CA ILE B 55 18.92 -12.11 -26.63
C ILE B 55 17.68 -12.97 -26.86
N VAL B 56 17.20 -13.65 -25.81
CA VAL B 56 16.01 -14.48 -25.98
C VAL B 56 14.80 -13.61 -26.25
N LYS B 57 14.73 -12.44 -25.59
CA LYS B 57 13.65 -11.49 -25.86
C LYS B 57 13.58 -11.14 -27.33
N GLY B 58 14.74 -10.95 -27.97
CA GLY B 58 14.75 -10.60 -29.38
C GLY B 58 14.44 -11.77 -30.29
N VAL B 59 15.11 -12.90 -30.07
CA VAL B 59 15.04 -14.02 -31.01
C VAL B 59 13.82 -14.89 -30.77
N CYS B 60 13.42 -15.06 -29.51
CA CYS B 60 12.43 -16.07 -29.17
C CYS B 60 11.01 -15.54 -29.28
N LYS B 61 10.05 -16.46 -29.26
CA LYS B 61 8.64 -16.12 -29.33
C LYS B 61 8.12 -15.70 -27.97
N PRO B 62 7.01 -14.97 -27.91
CA PRO B 62 6.46 -14.57 -26.61
C PRO B 62 6.03 -15.74 -25.74
N SER B 63 5.36 -16.74 -26.32
CA SER B 63 4.92 -17.89 -25.54
C SER B 63 6.12 -18.66 -25.00
N GLU B 64 6.95 -19.21 -25.90
CA GLU B 64 8.12 -19.97 -25.48
C GLU B 64 8.96 -19.16 -24.49
N PHE B 65 9.10 -17.86 -24.74
CA PHE B 65 9.76 -17.00 -23.78
C PHE B 65 9.05 -17.05 -22.43
N ASP B 66 7.72 -17.07 -22.43
CA ASP B 66 6.99 -17.14 -21.17
C ASP B 66 7.30 -18.43 -20.43
N LYS B 67 7.38 -19.56 -21.15
CA LYS B 67 7.77 -20.80 -20.49
C LYS B 67 9.21 -20.72 -19.99
N PHE B 68 10.06 -19.98 -20.69
CA PHE B 68 11.43 -19.77 -20.24
C PHE B 68 11.47 -19.01 -18.92
N ARG B 69 10.78 -17.87 -18.86
CA ARG B 69 10.67 -17.11 -17.62
C ARG B 69 10.09 -17.97 -16.50
N MET B 70 9.03 -18.72 -16.80
CA MET B 70 8.50 -19.67 -15.82
C MET B 70 9.60 -20.58 -15.29
N PHE B 71 10.39 -21.17 -16.19
CA PHE B 71 11.45 -22.08 -15.79
C PHE B 71 12.43 -21.40 -14.85
N ILE B 72 12.94 -20.23 -15.25
CA ILE B 72 13.96 -19.55 -14.46
C ILE B 72 13.41 -19.16 -13.10
N GLY B 73 12.22 -18.54 -13.08
CA GLY B 73 11.60 -18.21 -11.80
C GLY B 73 11.47 -19.41 -10.89
N ASP B 74 10.97 -20.51 -11.43
CA ASP B 74 10.80 -21.73 -10.64
C ASP B 74 12.14 -22.27 -10.15
N LEU B 75 13.23 -22.05 -10.88
CA LEU B 75 14.51 -22.62 -10.50
C LEU B 75 14.93 -22.16 -9.10
N ASP B 76 15.04 -20.84 -8.92
CA ASP B 76 15.44 -20.31 -7.62
C ASP B 76 14.61 -20.94 -6.50
N LYS B 77 13.29 -20.94 -6.66
CA LYS B 77 12.42 -21.49 -5.63
C LYS B 77 12.71 -22.96 -5.36
N VAL B 78 12.93 -23.76 -6.40
CA VAL B 78 13.20 -25.18 -6.19
C VAL B 78 14.50 -25.35 -5.41
N VAL B 79 15.58 -24.72 -5.88
CA VAL B 79 16.87 -24.87 -5.21
C VAL B 79 16.78 -24.44 -3.75
N ASN B 80 16.40 -23.18 -3.52
CA ASN B 80 16.28 -22.70 -2.14
C ASN B 80 15.37 -23.58 -1.32
N LEU B 81 14.32 -24.13 -1.93
CA LEU B 81 13.43 -25.03 -1.21
C LEU B 81 14.19 -26.26 -0.74
N LEU B 82 14.91 -26.92 -1.63
CA LEU B 82 15.67 -28.11 -1.24
C LEU B 82 16.73 -27.78 -0.19
N LEU B 83 17.29 -26.57 -0.23
CA LEU B 83 18.31 -26.21 0.75
C LEU B 83 17.70 -25.97 2.13
N SER B 84 16.58 -25.24 2.20
CA SER B 84 15.91 -25.05 3.49
C SER B 84 15.39 -26.37 4.04
N LEU B 85 14.80 -27.19 3.18
CA LEU B 85 14.25 -28.47 3.59
C LEU B 85 15.34 -29.40 4.10
N SER B 86 16.40 -29.60 3.29
CA SER B 86 17.52 -30.42 3.72
C SER B 86 18.13 -29.87 5.01
N GLY B 87 18.14 -28.55 5.15
CA GLY B 87 18.64 -27.93 6.37
C GLY B 87 17.87 -28.36 7.59
N ARG B 88 16.55 -28.11 7.61
CA ARG B 88 15.77 -28.49 8.78
C ARG B 88 15.80 -29.98 9.00
N LEU B 89 15.77 -30.77 7.92
CA LEU B 89 15.86 -32.23 8.08
C LEU B 89 17.13 -32.61 8.82
N ALA B 90 18.26 -32.00 8.44
CA ALA B 90 19.49 -32.25 9.18
C ALA B 90 19.38 -31.77 10.62
N ARG B 91 18.63 -30.69 10.85
CA ARG B 91 18.47 -30.19 12.21
C ARG B 91 17.72 -31.19 13.09
N VAL B 92 16.67 -31.82 12.56
CA VAL B 92 15.88 -32.74 13.37
C VAL B 92 16.57 -34.10 13.49
N GLU B 93 17.22 -34.55 12.41
CA GLU B 93 17.98 -35.80 12.49
C GLU B 93 19.11 -35.66 13.50
N ASN B 94 19.85 -34.55 13.45
CA ASN B 94 20.89 -34.29 14.43
C ASN B 94 20.30 -34.06 15.82
N ALA B 95 19.06 -33.59 15.89
CA ALA B 95 18.41 -33.37 17.18
C ALA B 95 18.31 -34.65 18.01
N LEU B 96 18.61 -35.81 17.42
CA LEU B 96 18.75 -37.02 18.23
C LEU B 96 20.06 -37.00 19.02
N ASN B 97 21.09 -36.39 18.46
CA ASN B 97 22.36 -36.25 19.15
C ASN B 97 22.28 -35.25 20.28
N ARG B 108 8.22 -35.20 24.04
CA ARG B 108 8.27 -36.63 24.30
C ARG B 108 7.83 -37.42 23.07
N GLN B 109 8.76 -37.57 22.12
CA GLN B 109 8.55 -38.25 20.84
C GLN B 109 7.68 -37.45 19.87
N SER B 110 7.28 -36.23 20.23
CA SER B 110 6.60 -35.34 19.29
C SER B 110 7.38 -35.19 17.99
N LEU B 111 8.71 -35.25 18.07
CA LEU B 111 9.56 -35.04 16.90
C LEU B 111 9.37 -36.09 15.81
N LEU B 112 9.08 -37.33 16.19
CA LEU B 112 8.96 -38.40 15.18
C LEU B 112 7.97 -38.04 14.08
N GLU B 113 6.81 -37.48 14.46
CA GLU B 113 5.84 -37.07 13.45
C GLU B 113 6.42 -36.00 12.53
N LYS B 114 7.08 -35.00 13.12
CA LYS B 114 7.74 -33.98 12.31
C LYS B 114 8.71 -34.59 11.32
N GLN B 115 9.49 -35.57 11.76
CA GLN B 115 10.41 -36.26 10.84
C GLN B 115 9.63 -36.88 9.68
N ARG B 116 8.52 -37.56 9.99
CA ARG B 116 7.73 -38.19 8.94
C ARG B 116 7.28 -37.16 7.91
N VAL B 117 6.58 -36.11 8.36
CA VAL B 117 6.10 -35.11 7.40
C VAL B 117 7.28 -34.52 6.64
N LEU B 118 8.44 -34.39 7.29
CA LEU B 118 9.60 -33.81 6.63
C LEU B 118 10.09 -34.69 5.49
N ILE B 119 10.16 -36.01 5.71
CA ILE B 119 10.62 -36.89 4.64
C ILE B 119 9.61 -36.91 3.50
N GLN B 120 8.31 -36.96 3.83
CA GLN B 120 7.31 -36.90 2.77
C GLN B 120 7.48 -35.64 1.92
N GLN B 121 7.59 -34.49 2.58
CA GLN B 121 7.86 -33.24 1.88
C GLN B 121 9.10 -33.35 1.02
N HIS B 122 10.13 -34.06 1.50
CA HIS B 122 11.35 -34.21 0.72
C HIS B 122 11.09 -34.98 -0.57
N GLU B 123 10.32 -36.06 -0.49
CA GLU B 123 9.98 -36.82 -1.69
C GLU B 123 9.19 -35.96 -2.67
N ASP B 124 8.16 -35.28 -2.18
CA ASP B 124 7.39 -34.37 -3.03
C ASP B 124 8.33 -33.39 -3.75
N ALA B 125 9.22 -32.75 -2.98
CA ALA B 125 10.18 -31.82 -3.56
C ALA B 125 11.05 -32.52 -4.61
N LYS B 126 11.34 -33.80 -4.42
CA LYS B 126 12.12 -34.53 -5.43
C LYS B 126 11.33 -34.62 -6.73
N GLU B 127 10.05 -34.99 -6.64
CA GLU B 127 9.19 -34.97 -7.83
C GLU B 127 9.24 -33.61 -8.51
N LEU B 128 9.11 -32.53 -7.71
CA LEU B 128 9.17 -31.19 -8.29
C LEU B 128 10.48 -30.96 -9.03
N LYS B 129 11.59 -31.43 -8.45
CA LYS B 129 12.87 -31.33 -9.15
C LYS B 129 12.82 -32.06 -10.48
N GLU B 130 12.22 -33.26 -10.50
CA GLU B 130 12.11 -34.00 -11.76
C GLU B 130 11.40 -33.16 -12.82
N ASN B 131 10.21 -32.64 -12.49
CA ASN B 131 9.50 -31.83 -13.47
C ASN B 131 10.33 -30.63 -13.91
N LEU B 132 11.02 -29.98 -12.98
CA LEU B 132 11.84 -28.83 -13.36
C LEU B 132 12.94 -29.24 -14.33
N ASP B 133 13.55 -30.41 -14.13
CA ASP B 133 14.57 -30.88 -15.06
C ASP B 133 13.96 -31.16 -16.43
N ARG B 134 12.78 -31.77 -16.46
CA ARG B 134 12.04 -31.90 -17.72
C ARG B 134 11.97 -30.56 -18.43
N ARG B 135 11.44 -29.54 -17.75
CA ARG B 135 11.33 -28.23 -18.35
C ARG B 135 12.68 -27.71 -18.81
N GLU B 136 13.74 -28.03 -18.07
CA GLU B 136 15.08 -27.64 -18.49
C GLU B 136 15.42 -28.24 -19.86
N ARG B 137 15.16 -29.53 -20.03
CA ARG B 137 15.40 -30.16 -21.32
C ARG B 137 14.57 -29.51 -22.41
N ILE B 138 13.32 -29.17 -22.11
CA ILE B 138 12.45 -28.57 -23.12
C ILE B 138 12.99 -27.21 -23.55
N VAL B 139 13.30 -26.34 -22.58
CA VAL B 139 13.83 -25.02 -22.91
C VAL B 139 15.14 -25.15 -23.69
N PHE B 140 15.97 -26.11 -23.29
CA PHE B 140 17.21 -26.36 -24.03
C PHE B 140 16.92 -26.71 -25.49
N ASP B 141 15.95 -27.59 -25.71
CA ASP B 141 15.64 -28.02 -27.08
C ASP B 141 15.12 -26.85 -27.91
N ILE B 142 14.20 -26.07 -27.35
CA ILE B 142 13.65 -24.94 -28.11
C ILE B 142 14.71 -23.89 -28.36
N LEU B 143 15.67 -23.73 -27.45
CA LEU B 143 16.65 -22.65 -27.61
C LEU B 143 17.82 -23.04 -28.50
N ALA B 144 18.13 -24.34 -28.58
CA ALA B 144 19.23 -24.74 -29.45
C ALA B 144 18.99 -24.31 -30.89
N ASN B 145 17.74 -24.39 -31.35
CA ASN B 145 17.41 -24.00 -32.72
C ASN B 145 17.38 -22.49 -32.90
N TYR B 146 16.96 -21.74 -31.88
CA TYR B 146 16.78 -20.30 -32.04
C TYR B 146 18.11 -19.57 -32.02
N LEU B 147 19.04 -20.01 -31.18
CA LEU B 147 20.23 -19.23 -30.86
C LEU B 147 21.48 -19.87 -31.45
N SER B 148 22.54 -19.08 -31.50
CA SER B 148 23.83 -19.55 -31.99
C SER B 148 24.45 -20.51 -30.97
N GLU B 149 25.54 -21.15 -31.38
CA GLU B 149 26.22 -22.09 -30.49
C GLU B 149 26.90 -21.35 -29.35
N GLU B 150 27.44 -20.16 -29.64
CA GLU B 150 28.07 -19.35 -28.60
C GLU B 150 27.03 -18.87 -27.59
N SER B 151 25.98 -18.20 -28.06
CA SER B 151 24.91 -17.76 -27.17
C SER B 151 24.30 -18.93 -26.41
N LEU B 152 24.23 -20.11 -27.05
CA LEU B 152 23.74 -21.30 -26.35
C LEU B 152 24.67 -21.65 -25.20
N ALA B 153 25.98 -21.66 -25.44
CA ALA B 153 26.93 -21.87 -24.37
C ALA B 153 26.72 -20.88 -23.24
N ASP B 154 26.48 -19.61 -23.59
CA ASP B 154 26.21 -18.60 -22.57
C ASP B 154 24.95 -18.94 -21.77
N TYR B 155 23.91 -19.44 -22.42
CA TYR B 155 22.68 -19.78 -21.72
C TYR B 155 22.90 -20.94 -20.75
N GLU B 156 23.41 -22.07 -21.26
CA GLU B 156 23.62 -23.24 -20.40
C GLU B 156 24.55 -22.88 -19.23
N HIS B 157 25.70 -22.29 -19.55
CA HIS B 157 26.61 -21.82 -18.52
C HIS B 157 25.90 -20.96 -17.50
N PHE B 158 25.02 -20.07 -17.96
CA PHE B 158 24.32 -19.19 -17.03
C PHE B 158 23.41 -19.95 -16.09
N VAL B 159 22.55 -20.81 -16.63
CA VAL B 159 21.58 -21.51 -15.79
C VAL B 159 22.29 -22.38 -14.76
N LYS B 160 23.22 -23.23 -15.22
CA LYS B 160 23.91 -24.10 -14.27
C LYS B 160 24.69 -23.26 -13.26
N MET B 161 25.31 -22.18 -13.72
CA MET B 161 26.08 -21.32 -12.81
C MET B 161 25.18 -20.77 -11.71
N LYS B 162 24.00 -20.27 -12.08
CA LYS B 162 23.10 -19.75 -11.06
C LYS B 162 22.70 -20.84 -10.08
N SER B 163 22.23 -21.98 -10.60
CA SER B 163 21.75 -23.05 -9.72
C SER B 163 22.82 -23.45 -8.71
N ALA B 164 24.00 -23.85 -9.19
CA ALA B 164 25.06 -24.24 -8.28
C ALA B 164 25.47 -23.09 -7.35
N LEU B 165 25.47 -21.88 -7.90
CA LEU B 165 25.98 -20.71 -7.18
C LEU B 165 25.14 -20.36 -5.96
N ILE B 166 23.82 -20.41 -6.06
CA ILE B 166 23.02 -20.13 -4.87
C ILE B 166 23.33 -21.16 -3.79
N ILE B 167 23.49 -22.42 -4.18
CA ILE B 167 23.82 -23.47 -3.22
C ILE B 167 25.13 -23.14 -2.51
N GLU B 168 26.18 -22.88 -3.29
CA GLU B 168 27.48 -22.53 -2.70
C GLU B 168 27.32 -21.37 -1.72
N GLN B 169 26.65 -20.31 -2.16
CA GLN B 169 26.45 -19.14 -1.30
C GLN B 169 25.81 -19.52 0.02
N ARG B 170 24.73 -20.30 -0.02
CA ARG B 170 24.02 -20.66 1.21
C ARG B 170 24.88 -21.54 2.10
N GLU B 171 25.58 -22.52 1.52
CA GLU B 171 26.48 -23.36 2.31
C GLU B 171 27.50 -22.52 3.05
N LEU B 172 28.22 -21.65 2.32
CA LEU B 172 29.22 -20.81 2.95
C LEU B 172 28.59 -19.95 4.05
N GLU B 173 27.48 -19.29 3.74
CA GLU B 173 26.83 -18.43 4.73
C GLU B 173 26.50 -19.20 6.01
N ASP B 174 26.02 -20.43 5.87
CA ASP B 174 25.75 -21.26 7.06
C ASP B 174 27.04 -21.51 7.83
N LYS B 175 28.10 -21.92 7.11
CA LYS B 175 29.37 -22.22 7.77
C LYS B 175 29.86 -21.03 8.57
N ILE B 176 29.96 -19.86 7.92
CA ILE B 176 30.45 -18.66 8.61
C ILE B 176 29.55 -18.31 9.78
N HIS B 177 28.23 -18.33 9.58
CA HIS B 177 27.32 -18.02 10.68
C HIS B 177 27.63 -18.89 11.89
N LEU B 178 27.90 -20.18 11.66
CA LEU B 178 28.25 -21.06 12.77
C LEU B 178 29.56 -20.61 13.41
N GLY B 179 30.60 -20.40 12.59
CA GLY B 179 31.87 -19.97 13.14
C GLY B 179 31.75 -18.73 14.01
N GLU B 180 31.00 -17.73 13.53
CA GLU B 180 30.75 -16.54 14.34
C GLU B 180 30.03 -16.90 15.62
N GLU B 181 29.05 -17.80 15.54
CA GLU B 181 28.32 -18.22 16.73
C GLU B 181 29.27 -18.73 17.80
N GLN B 182 30.14 -19.68 17.44
CA GLN B 182 31.04 -20.25 18.44
C GLN B 182 32.08 -19.23 18.91
N LEU B 183 32.63 -18.44 17.98
CA LEU B 183 33.58 -17.40 18.37
C LEU B 183 32.99 -16.47 19.43
N LYS B 184 31.83 -15.89 19.13
CA LYS B 184 31.18 -14.99 20.08
C LYS B 184 30.83 -15.70 21.38
N CYS B 185 30.21 -16.88 21.28
CA CYS B 185 29.82 -17.62 22.48
C CYS B 185 31.00 -17.85 23.41
N LEU B 186 32.15 -18.23 22.85
CA LEU B 186 33.31 -18.50 23.69
C LEU B 186 33.94 -17.22 24.21
N LEU B 187 33.99 -16.17 23.38
CA LEU B 187 34.66 -14.94 23.74
C LEU B 187 33.95 -14.16 24.84
N ASP B 188 32.75 -14.56 25.24
CA ASP B 188 32.01 -13.85 26.28
C ASP B 188 31.70 -12.43 25.83
N GLY C 10 3.74 -14.01 21.46
CA GLY C 10 2.39 -14.47 21.71
C GLY C 10 1.54 -14.50 20.45
N GLN C 11 1.80 -13.56 19.55
CA GLN C 11 1.07 -13.47 18.29
C GLN C 11 1.54 -14.48 17.24
N MET C 12 2.33 -15.48 17.62
CA MET C 12 2.80 -16.45 16.64
C MET C 12 1.68 -17.35 16.15
N ARG C 13 0.65 -17.57 16.98
CA ARG C 13 -0.48 -18.38 16.56
C ARG C 13 -1.07 -17.87 15.25
N GLU C 14 -1.04 -16.56 15.03
CA GLU C 14 -1.42 -16.01 13.73
C GLU C 14 -0.53 -16.58 12.63
N LEU C 15 0.78 -16.62 12.86
CA LEU C 15 1.70 -17.20 11.89
C LEU C 15 1.33 -18.65 11.63
N GLN C 16 1.02 -19.40 12.69
CA GLN C 16 0.53 -20.77 12.51
C GLN C 16 -0.68 -20.80 11.58
N ASP C 17 -1.61 -19.85 11.76
CA ASP C 17 -2.76 -19.75 10.86
C ASP C 17 -2.31 -19.58 9.42
N GLN C 18 -1.35 -18.69 9.19
CA GLN C 18 -0.79 -18.53 7.85
C GLN C 18 -0.30 -19.87 7.30
N LEU C 19 0.49 -20.59 8.11
CA LEU C 19 1.01 -21.88 7.68
C LEU C 19 -0.12 -22.82 7.29
N GLU C 20 -1.17 -22.89 8.10
CA GLU C 20 -2.33 -23.70 7.74
C GLU C 20 -2.86 -23.31 6.37
N ALA C 21 -3.00 -22.00 6.14
CA ALA C 21 -3.49 -21.52 4.86
C ALA C 21 -2.64 -22.06 3.71
N GLU C 22 -1.33 -21.79 3.76
CA GLU C 22 -0.47 -22.24 2.68
C GLU C 22 -0.47 -23.76 2.55
N GLN C 23 -0.68 -24.49 3.65
CA GLN C 23 -0.88 -25.92 3.56
C GLN C 23 -2.07 -26.24 2.67
N TYR C 24 -3.22 -25.64 2.96
CA TYR C 24 -4.40 -25.85 2.11
C TYR C 24 -4.06 -25.55 0.66
N PHE C 25 -3.38 -24.42 0.41
CA PHE C 25 -2.97 -24.09 -0.95
C PHE C 25 -2.21 -25.26 -1.58
N SER C 26 -1.08 -25.65 -0.95
CA SER C 26 -0.25 -26.71 -1.51
C SER C 26 -1.06 -27.96 -1.81
N THR C 27 -1.91 -28.37 -0.87
CA THR C 27 -2.70 -29.58 -1.07
C THR C 27 -3.62 -29.44 -2.28
N LEU C 28 -4.41 -28.37 -2.33
CA LEU C 28 -5.37 -28.21 -3.41
C LEU C 28 -4.67 -28.15 -4.77
N TYR C 29 -3.57 -27.38 -4.86
CA TYR C 29 -2.85 -27.30 -6.13
C TYR C 29 -2.27 -28.65 -6.51
N LYS C 30 -1.80 -29.43 -5.54
CA LYS C 30 -1.28 -30.76 -5.83
C LYS C 30 -2.37 -31.65 -6.40
N THR C 31 -3.51 -31.73 -5.71
CA THR C 31 -4.63 -32.53 -6.20
C THR C 31 -5.01 -32.12 -7.61
N GLN C 32 -5.05 -30.80 -7.87
CA GLN C 32 -5.38 -30.33 -9.20
C GLN C 32 -4.36 -30.82 -10.23
N VAL C 33 -3.08 -30.78 -9.88
CA VAL C 33 -2.05 -31.29 -10.79
C VAL C 33 -2.28 -32.77 -11.08
N LYS C 34 -2.65 -33.54 -10.06
CA LYS C 34 -2.94 -34.95 -10.28
C LYS C 34 -4.06 -35.13 -11.29
N GLU C 35 -5.22 -34.52 -11.02
CA GLU C 35 -6.34 -34.66 -11.95
C GLU C 35 -5.94 -34.20 -13.35
N LEU C 36 -5.02 -33.25 -13.45
CA LEU C 36 -4.57 -32.79 -14.76
C LEU C 36 -3.72 -33.84 -15.46
N LYS C 37 -2.78 -34.47 -14.74
CA LYS C 37 -1.95 -35.50 -15.34
C LYS C 37 -2.80 -36.69 -15.79
N GLU C 38 -3.68 -37.17 -14.92
CA GLU C 38 -4.60 -38.22 -15.32
C GLU C 38 -5.43 -37.80 -16.53
N GLU C 39 -5.85 -36.53 -16.55
CA GLU C 39 -6.64 -36.05 -17.68
C GLU C 39 -5.86 -36.08 -18.98
N ILE C 40 -4.57 -35.71 -18.95
CA ILE C 40 -3.78 -35.71 -20.18
C ILE C 40 -3.51 -37.14 -20.65
N GLU C 41 -3.23 -38.06 -19.72
CA GLU C 41 -2.99 -39.44 -20.16
C GLU C 41 -4.27 -40.04 -20.75
N GLU C 42 -5.41 -39.82 -20.11
CA GLU C 42 -6.66 -40.34 -20.64
C GLU C 42 -6.96 -39.76 -22.02
N LYS C 43 -6.97 -38.43 -22.12
CA LYS C 43 -7.30 -37.77 -23.38
C LYS C 43 -6.35 -38.19 -24.49
N ASN C 44 -5.04 -38.21 -24.19
CA ASN C 44 -4.06 -38.67 -25.17
C ASN C 44 -4.39 -40.09 -25.63
N ARG C 45 -4.75 -40.97 -24.70
CA ARG C 45 -5.08 -42.35 -25.07
C ARG C 45 -6.28 -42.37 -26.02
N GLU C 46 -7.33 -41.61 -25.71
CA GLU C 46 -8.50 -41.57 -26.60
C GLU C 46 -8.11 -41.07 -27.98
N ASN C 47 -7.34 -39.98 -28.05
CA ASN C 47 -6.90 -39.47 -29.35
C ASN C 47 -6.14 -40.54 -30.13
N LEU C 48 -5.18 -41.19 -29.49
CA LEU C 48 -4.47 -42.29 -30.15
C LEU C 48 -5.46 -43.31 -30.71
N LYS C 49 -6.47 -43.68 -29.92
CA LYS C 49 -7.47 -44.64 -30.40
C LYS C 49 -8.15 -44.14 -31.67
N LYS C 50 -8.68 -42.92 -31.64
CA LYS C 50 -9.44 -42.41 -32.77
C LYS C 50 -8.57 -42.31 -34.02
N ILE C 51 -7.38 -41.73 -33.89
CA ILE C 51 -6.51 -41.57 -35.05
C ILE C 51 -6.13 -42.94 -35.60
N GLN C 52 -5.93 -43.91 -34.71
CA GLN C 52 -5.65 -45.27 -35.16
C GLN C 52 -6.84 -45.82 -35.96
N GLU C 53 -8.06 -45.63 -35.46
CA GLU C 53 -9.25 -46.10 -36.16
C GLU C 53 -9.33 -45.50 -37.56
N LEU C 54 -9.38 -44.16 -37.65
CA LEU C 54 -9.53 -43.52 -38.94
C LEU C 54 -8.37 -43.88 -39.87
N GLN C 55 -7.17 -44.05 -39.31
CA GLN C 55 -6.04 -44.54 -40.11
C GLN C 55 -6.36 -45.91 -40.69
N ASN C 56 -6.99 -46.78 -39.89
CA ASN C 56 -7.35 -48.10 -40.39
C ASN C 56 -8.39 -48.02 -41.50
N GLU C 57 -9.38 -47.13 -41.36
CA GLU C 57 -10.33 -46.91 -42.44
C GLU C 57 -9.60 -46.49 -43.71
N LYS C 58 -8.70 -45.51 -43.59
CA LYS C 58 -7.90 -45.09 -44.73
C LYS C 58 -7.09 -46.24 -45.31
N GLU C 59 -6.72 -47.22 -44.49
CA GLU C 59 -6.00 -48.38 -45.00
C GLU C 59 -6.92 -49.30 -45.78
N THR C 60 -8.09 -49.62 -45.24
CA THR C 60 -9.03 -50.45 -45.96
C THR C 60 -9.40 -49.82 -47.31
N LEU C 61 -9.58 -48.50 -47.31
CA LEU C 61 -9.81 -47.79 -48.57
C LEU C 61 -8.58 -47.84 -49.47
N ALA C 62 -7.39 -47.85 -48.88
CA ALA C 62 -6.15 -47.80 -49.66
C ALA C 62 -5.97 -49.06 -50.50
N THR C 63 -6.37 -50.22 -49.97
CA THR C 63 -6.15 -51.48 -50.68
C THR C 63 -6.83 -51.49 -52.05
N GLN C 64 -7.89 -50.71 -52.22
CA GLN C 64 -8.58 -50.66 -53.51
C GLN C 64 -7.61 -50.29 -54.62
N ASN D 8 9.07 -19.53 23.29
CA ASN D 8 10.30 -20.07 22.75
C ASN D 8 10.55 -19.54 21.35
N GLU D 9 11.81 -19.20 21.06
CA GLU D 9 12.17 -18.63 19.77
C GLU D 9 12.45 -19.71 18.72
N GLY D 10 12.99 -20.86 19.14
CA GLY D 10 13.21 -21.94 18.19
C GLY D 10 11.91 -22.40 17.54
N GLN D 11 10.81 -22.38 18.30
CA GLN D 11 9.51 -22.72 17.73
C GLN D 11 9.11 -21.69 16.68
N MET D 12 9.25 -20.41 17.02
CA MET D 12 8.96 -19.34 16.06
C MET D 12 9.75 -19.53 14.76
N ARG D 13 11.07 -19.56 14.87
CA ARG D 13 11.90 -19.68 13.67
C ARG D 13 11.56 -20.94 12.89
N GLU D 14 11.39 -22.07 13.59
CA GLU D 14 11.04 -23.31 12.91
C GLU D 14 9.77 -23.14 12.11
N LEU D 15 8.74 -22.56 12.72
CA LEU D 15 7.48 -22.32 12.00
C LEU D 15 7.69 -21.41 10.80
N GLN D 16 8.49 -20.34 10.96
CA GLN D 16 8.79 -19.47 9.84
C GLN D 16 9.37 -20.25 8.67
N ASP D 17 10.36 -21.11 8.95
CA ASP D 17 10.92 -21.95 7.91
C ASP D 17 9.85 -22.84 7.28
N GLN D 18 8.99 -23.44 8.10
CA GLN D 18 7.89 -24.24 7.57
C GLN D 18 7.05 -23.43 6.59
N LEU D 19 6.66 -22.21 6.99
CA LEU D 19 5.89 -21.35 6.10
C LEU D 19 6.62 -21.13 4.78
N GLU D 20 7.92 -20.85 4.85
CA GLU D 20 8.69 -20.72 3.62
C GLU D 20 8.53 -21.97 2.75
N ALA D 21 8.68 -23.15 3.37
CA ALA D 21 8.56 -24.40 2.62
C ALA D 21 7.21 -24.50 1.92
N GLU D 22 6.12 -24.44 2.67
CA GLU D 22 4.80 -24.60 2.06
C GLU D 22 4.51 -23.50 1.04
N GLN D 23 5.07 -22.31 1.23
CA GLN D 23 4.96 -21.27 0.21
C GLN D 23 5.59 -21.73 -1.10
N TYR D 24 6.86 -22.16 -1.04
CA TYR D 24 7.53 -22.67 -2.24
C TYR D 24 6.71 -23.78 -2.89
N PHE D 25 6.24 -24.73 -2.08
CA PHE D 25 5.40 -25.80 -2.59
C PHE D 25 4.21 -25.25 -3.38
N SER D 26 3.38 -24.43 -2.74
CA SER D 26 2.20 -23.88 -3.39
C SER D 26 2.55 -23.17 -4.69
N THR D 27 3.59 -22.33 -4.67
CA THR D 27 3.97 -21.58 -5.86
C THR D 27 4.34 -22.53 -7.00
N LEU D 28 5.23 -23.48 -6.72
CA LEU D 28 5.68 -24.40 -7.76
C LEU D 28 4.50 -25.20 -8.32
N TYR D 29 3.61 -25.68 -7.46
CA TYR D 29 2.44 -26.41 -7.95
C TYR D 29 1.58 -25.52 -8.83
N LYS D 30 1.46 -24.23 -8.48
CA LYS D 30 0.68 -23.30 -9.29
C LYS D 30 1.28 -23.15 -10.69
N THR D 31 2.57 -22.80 -10.75
CA THR D 31 3.23 -22.67 -12.06
C THR D 31 3.09 -23.95 -12.86
N GLN D 32 3.27 -25.10 -12.22
CA GLN D 32 3.14 -26.37 -12.92
C GLN D 32 1.74 -26.55 -13.49
N VAL D 33 0.71 -26.20 -12.70
CA VAL D 33 -0.66 -26.32 -13.19
C VAL D 33 -0.88 -25.43 -14.40
N LYS D 34 -0.35 -24.21 -14.36
CA LYS D 34 -0.51 -23.32 -15.50
C LYS D 34 0.12 -23.94 -16.75
N GLU D 35 1.41 -24.31 -16.66
CA GLU D 35 2.07 -24.92 -17.80
C GLU D 35 1.32 -26.15 -18.28
N LEU D 36 0.64 -26.86 -17.37
CA LEU D 36 -0.12 -28.04 -17.75
C LEU D 36 -1.35 -27.66 -18.57
N LYS D 37 -2.09 -26.63 -18.15
CA LYS D 37 -3.25 -26.20 -18.92
C LYS D 37 -2.83 -25.69 -20.30
N GLU D 38 -1.81 -24.83 -20.35
CA GLU D 38 -1.32 -24.36 -21.64
C GLU D 38 -0.90 -25.54 -22.52
N GLU D 39 -0.24 -26.54 -21.93
CA GLU D 39 0.20 -27.70 -22.69
C GLU D 39 -0.99 -28.51 -23.21
N ILE D 40 -2.07 -28.58 -22.42
CA ILE D 40 -3.25 -29.33 -22.84
C ILE D 40 -3.91 -28.63 -24.03
N GLU D 41 -4.00 -27.30 -23.97
CA GLU D 41 -4.59 -26.57 -25.09
C GLU D 41 -3.73 -26.71 -26.35
N GLU D 42 -2.41 -26.62 -26.19
CA GLU D 42 -1.51 -26.75 -27.34
C GLU D 42 -1.67 -28.11 -28.00
N LYS D 43 -1.49 -29.19 -27.24
CA LYS D 43 -1.59 -30.53 -27.82
C LYS D 43 -2.97 -30.77 -28.41
N ASN D 44 -4.02 -30.34 -27.71
CA ASN D 44 -5.37 -30.46 -28.26
C ASN D 44 -5.45 -29.82 -29.64
N ARG D 45 -4.95 -28.59 -29.76
CA ARG D 45 -5.04 -27.87 -31.03
C ARG D 45 -4.24 -28.58 -32.12
N GLU D 46 -2.96 -28.86 -31.86
CA GLU D 46 -2.10 -29.48 -32.86
C GLU D 46 -2.70 -30.81 -33.33
N ASN D 47 -3.16 -31.63 -32.38
CA ASN D 47 -3.80 -32.89 -32.74
C ASN D 47 -5.01 -32.64 -33.65
N LEU D 48 -5.86 -31.67 -33.28
CA LEU D 48 -6.98 -31.31 -34.13
C LEU D 48 -6.50 -31.06 -35.55
N LYS D 49 -5.42 -30.29 -35.70
CA LYS D 49 -4.85 -30.06 -37.02
C LYS D 49 -4.53 -31.39 -37.70
N LYS D 50 -3.88 -32.29 -36.97
CA LYS D 50 -3.46 -33.56 -37.55
C LYS D 50 -4.66 -34.33 -38.08
N ILE D 51 -5.73 -34.45 -37.28
CA ILE D 51 -6.89 -35.21 -37.73
C ILE D 51 -7.54 -34.53 -38.93
N GLN D 52 -7.51 -33.20 -38.98
CA GLN D 52 -8.03 -32.50 -40.16
C GLN D 52 -7.25 -32.92 -41.40
N GLU D 53 -5.92 -32.90 -41.31
CA GLU D 53 -5.09 -33.33 -42.44
C GLU D 53 -5.43 -34.76 -42.84
N LEU D 54 -5.36 -35.69 -41.88
CA LEU D 54 -5.58 -37.10 -42.18
C LEU D 54 -6.94 -37.33 -42.82
N GLN D 55 -7.99 -36.70 -42.27
CA GLN D 55 -9.32 -36.88 -42.85
C GLN D 55 -9.38 -36.33 -44.27
N ASN D 56 -8.69 -35.22 -44.54
CA ASN D 56 -8.71 -34.68 -45.90
C ASN D 56 -7.98 -35.61 -46.86
N GLU D 57 -6.88 -36.23 -46.41
CA GLU D 57 -6.18 -37.17 -47.29
C GLU D 57 -7.03 -38.41 -47.53
N LYS D 58 -7.75 -38.87 -46.50
CA LYS D 58 -8.70 -39.96 -46.68
C LYS D 58 -9.83 -39.57 -47.62
N GLU D 59 -10.17 -38.27 -47.68
CA GLU D 59 -11.19 -37.83 -48.61
C GLU D 59 -10.67 -37.84 -50.03
N THR D 60 -9.45 -37.32 -50.24
CA THR D 60 -8.84 -37.40 -51.57
C THR D 60 -8.73 -38.85 -52.03
N LEU D 61 -8.38 -39.75 -51.12
CA LEU D 61 -8.34 -41.17 -51.44
C LEU D 61 -9.74 -41.70 -51.74
N ALA D 62 -10.75 -41.18 -51.03
CA ALA D 62 -12.12 -41.69 -51.19
C ALA D 62 -12.71 -41.31 -52.54
N THR D 63 -12.45 -40.08 -53.02
CA THR D 63 -13.04 -39.65 -54.28
C THR D 63 -12.60 -40.51 -55.45
N GLN D 64 -11.43 -41.16 -55.35
CA GLN D 64 -10.95 -41.99 -56.44
C GLN D 64 -11.83 -43.22 -56.64
N LEU D 65 -12.19 -43.89 -55.54
CA LEU D 65 -12.98 -45.11 -55.66
C LEU D 65 -14.31 -44.85 -56.35
N ASP D 66 -14.86 -43.64 -56.19
CA ASP D 66 -16.13 -43.31 -56.83
C ASP D 66 -16.09 -43.57 -58.33
N LEU D 67 -15.01 -43.12 -58.99
CA LEU D 67 -14.91 -43.28 -60.44
C LEU D 67 -14.85 -44.75 -60.83
N ALA D 68 -13.89 -45.49 -60.28
CA ALA D 68 -13.73 -46.90 -60.59
C ALA D 68 -14.88 -47.72 -60.01
N MET E 12 7.39 39.48 15.73
CA MET E 12 8.41 38.46 15.88
C MET E 12 8.94 38.02 14.53
N ARG E 13 10.26 38.20 14.33
CA ARG E 13 10.89 37.80 13.08
C ARG E 13 10.70 36.31 12.82
N GLU E 14 10.94 35.49 13.85
CA GLU E 14 10.80 34.05 13.69
C GLU E 14 9.36 33.66 13.36
N LEU E 15 8.40 34.25 14.07
CA LEU E 15 6.99 33.97 13.79
C LEU E 15 6.64 34.38 12.35
N GLN E 16 7.09 35.56 11.94
CA GLN E 16 6.90 35.97 10.54
C GLN E 16 7.46 34.93 9.59
N ASP E 17 8.65 34.43 9.88
CA ASP E 17 9.21 33.35 9.06
C ASP E 17 8.27 32.17 8.99
N GLN E 18 7.68 31.77 10.13
CA GLN E 18 6.69 30.72 10.10
C GLN E 18 5.58 31.04 9.12
N LEU E 19 5.05 32.27 9.18
CA LEU E 19 3.99 32.67 8.25
C LEU E 19 4.45 32.49 6.81
N GLU E 20 5.67 32.92 6.50
CA GLU E 20 6.23 32.70 5.17
C GLU E 20 6.19 31.23 4.79
N ALA E 21 6.61 30.36 5.71
CA ALA E 21 6.61 28.93 5.45
C ALA E 21 5.21 28.44 5.08
N GLU E 22 4.24 28.69 5.95
CA GLU E 22 2.89 28.20 5.68
C GLU E 22 2.33 28.79 4.39
N GLN E 23 2.71 30.03 4.06
CA GLN E 23 2.31 30.60 2.78
C GLN E 23 2.83 29.75 1.63
N TYR E 24 4.14 29.49 1.59
CA TYR E 24 4.71 28.66 0.54
C TYR E 24 4.02 27.30 0.48
N PHE E 25 3.83 26.65 1.63
CA PHE E 25 3.12 25.38 1.68
C PHE E 25 1.77 25.48 0.97
N SER E 26 0.92 26.38 1.46
CA SER E 26 -0.41 26.53 0.87
C SER E 26 -0.35 26.73 -0.64
N THR E 27 0.56 27.60 -1.09
CA THR E 27 0.68 27.87 -2.52
C THR E 27 1.02 26.59 -3.29
N LEU E 28 2.07 25.89 -2.86
CA LEU E 28 2.50 24.69 -3.58
C LEU E 28 1.40 23.64 -3.61
N TYR E 29 0.72 23.42 -2.48
CA TYR E 29 -0.36 22.45 -2.45
C TYR E 29 -1.51 22.87 -3.36
N LYS E 30 -1.78 24.18 -3.45
CA LYS E 30 -2.82 24.66 -4.36
C LYS E 30 -2.45 24.34 -5.81
N THR E 31 -1.25 24.72 -6.22
CA THR E 31 -0.79 24.40 -7.57
C THR E 31 -0.88 22.90 -7.83
N GLN E 32 -0.47 22.09 -6.84
CA GLN E 32 -0.51 20.64 -7.00
C GLN E 32 -1.93 20.13 -7.21
N VAL E 33 -2.88 20.60 -6.40
CA VAL E 33 -4.25 20.15 -6.60
C VAL E 33 -4.74 20.56 -7.98
N LYS E 34 -4.37 21.76 -8.44
CA LYS E 34 -4.75 22.18 -9.78
C LYS E 34 -4.23 21.19 -10.82
N GLU E 35 -2.91 20.97 -10.86
CA GLU E 35 -2.36 20.04 -11.84
C GLU E 35 -3.00 18.67 -11.72
N LEU E 36 -3.45 18.30 -10.52
CA LEU E 36 -4.15 17.03 -10.35
C LEU E 36 -5.51 17.06 -11.02
N LYS E 37 -6.26 18.16 -10.89
CA LYS E 37 -7.54 18.26 -11.59
C LYS E 37 -7.33 18.19 -13.10
N GLU E 38 -6.35 18.93 -13.60
CA GLU E 38 -6.02 18.85 -15.03
C GLU E 38 -5.75 17.40 -15.41
N GLU E 39 -5.05 16.66 -14.54
CA GLU E 39 -4.81 15.25 -14.80
C GLU E 39 -6.10 14.46 -14.78
N ILE E 40 -7.08 14.86 -13.96
CA ILE E 40 -8.35 14.15 -13.90
C ILE E 40 -9.11 14.33 -15.21
N GLU E 41 -9.14 15.55 -15.74
CA GLU E 41 -9.84 15.76 -17.00
C GLU E 41 -9.14 15.05 -18.15
N GLU E 42 -7.82 15.15 -18.22
CA GLU E 42 -7.08 14.48 -19.30
C GLU E 42 -7.24 12.97 -19.22
N LYS E 43 -6.88 12.38 -18.08
CA LYS E 43 -6.92 10.92 -17.95
C LYS E 43 -8.34 10.41 -18.14
N ASN E 44 -9.32 11.07 -17.52
CA ASN E 44 -10.71 10.68 -17.70
C ASN E 44 -11.10 10.70 -19.17
N ARG E 45 -10.68 11.74 -19.90
CA ARG E 45 -11.06 11.83 -21.30
C ARG E 45 -10.40 10.74 -22.13
N GLU E 46 -9.16 10.38 -21.81
CA GLU E 46 -8.50 9.31 -22.57
C GLU E 46 -9.18 7.98 -22.32
N ASN E 47 -9.46 7.66 -21.05
CA ASN E 47 -10.16 6.42 -20.75
C ASN E 47 -11.51 6.37 -21.47
N LEU E 48 -12.29 7.44 -21.34
CA LEU E 48 -13.57 7.51 -22.04
C LEU E 48 -13.39 7.26 -23.54
N LYS E 49 -12.37 7.88 -24.15
CA LYS E 49 -12.11 7.67 -25.56
C LYS E 49 -11.88 6.20 -25.87
N LYS E 50 -10.96 5.56 -25.15
CA LYS E 50 -10.62 4.17 -25.47
C LYS E 50 -11.82 3.25 -25.31
N ILE E 51 -12.51 3.34 -24.17
CA ILE E 51 -13.63 2.44 -23.93
C ILE E 51 -14.76 2.69 -24.94
N GLN E 52 -14.98 3.95 -25.30
CA GLN E 52 -15.98 4.26 -26.32
C GLN E 52 -15.60 3.59 -27.65
N GLU E 53 -14.34 3.71 -28.05
CA GLU E 53 -13.88 3.08 -29.28
C GLU E 53 -14.13 1.57 -29.24
N LEU E 54 -13.64 0.90 -28.19
CA LEU E 54 -13.78 -0.54 -28.11
C LEU E 54 -15.25 -0.95 -28.15
N GLN E 55 -16.11 -0.18 -27.48
CA GLN E 55 -17.55 -0.48 -27.55
C GLN E 55 -18.07 -0.31 -28.96
N ASN E 56 -17.54 0.65 -29.72
CA ASN E 56 -17.95 0.79 -31.11
C ASN E 56 -17.54 -0.45 -31.91
N GLU E 57 -16.33 -0.97 -31.67
CA GLU E 57 -15.95 -2.23 -32.29
C GLU E 57 -16.95 -3.33 -31.95
N LYS E 58 -17.27 -3.48 -30.66
CA LYS E 58 -18.24 -4.50 -30.26
C LYS E 58 -19.59 -4.28 -30.94
N GLU E 59 -19.91 -3.03 -31.28
CA GLU E 59 -21.16 -2.75 -31.99
C GLU E 59 -21.08 -3.25 -33.43
N THR E 60 -19.98 -2.96 -34.12
CA THR E 60 -19.80 -3.50 -35.47
C THR E 60 -19.88 -5.02 -35.46
N LEU E 61 -19.28 -5.65 -34.46
CA LEU E 61 -19.37 -7.11 -34.35
C LEU E 61 -20.81 -7.55 -34.10
N ALA E 62 -21.57 -6.78 -33.31
CA ALA E 62 -22.93 -7.20 -33.03
C ALA E 62 -23.79 -7.13 -34.29
N THR E 63 -23.64 -6.06 -35.06
CA THR E 63 -24.40 -5.94 -36.31
C THR E 63 -23.98 -7.03 -37.29
N GLN E 64 -22.67 -7.33 -37.34
CA GLN E 64 -22.21 -8.38 -38.25
C GLN E 64 -22.80 -9.73 -37.88
N LEU E 65 -22.81 -10.07 -36.59
CA LEU E 65 -23.34 -11.36 -36.17
C LEU E 65 -24.85 -11.43 -36.41
N ASP E 66 -25.58 -10.38 -36.00
CA ASP E 66 -27.02 -10.38 -36.23
C ASP E 66 -27.34 -10.44 -37.72
N LEU E 67 -26.45 -9.92 -38.56
CA LEU E 67 -26.67 -9.98 -40.01
C LEU E 67 -26.68 -11.43 -40.49
N ALA E 68 -25.66 -12.20 -40.11
CA ALA E 68 -25.58 -13.61 -40.49
C ALA E 68 -26.49 -14.45 -39.59
N GLN F 11 -0.52 44.10 18.43
CA GLN F 11 -0.50 44.12 16.97
C GLN F 11 -0.02 42.78 16.42
N MET F 12 0.88 42.13 17.16
CA MET F 12 1.43 40.86 16.69
C MET F 12 0.42 39.74 16.80
N ARG F 13 -0.46 39.78 17.81
CA ARG F 13 -1.44 38.72 17.99
C ARG F 13 -2.29 38.53 16.74
N GLU F 14 -2.68 39.61 16.09
CA GLU F 14 -3.49 39.51 14.87
C GLU F 14 -2.73 38.77 13.78
N LEU F 15 -1.48 39.15 13.55
CA LEU F 15 -0.67 38.43 12.56
C LEU F 15 -0.56 36.96 12.94
N GLN F 16 -0.46 36.66 14.23
CA GLN F 16 -0.47 35.26 14.67
C GLN F 16 -1.76 34.56 14.24
N ASP F 17 -2.91 35.23 14.41
CA ASP F 17 -4.15 34.68 13.87
C ASP F 17 -4.02 34.41 12.38
N GLN F 18 -3.38 35.33 11.65
CA GLN F 18 -3.16 35.12 10.22
C GLN F 18 -2.37 33.84 9.98
N LEU F 19 -1.34 33.59 10.79
CA LEU F 19 -0.59 32.35 10.68
C LEU F 19 -1.49 31.14 10.93
N GLU F 20 -2.33 31.20 11.95
CA GLU F 20 -3.29 30.13 12.21
C GLU F 20 -4.12 29.83 10.97
N ALA F 21 -4.71 30.86 10.37
CA ALA F 21 -5.52 30.68 9.17
C ALA F 21 -4.71 30.03 8.06
N GLU F 22 -3.55 30.60 7.72
CA GLU F 22 -2.73 30.03 6.66
C GLU F 22 -2.42 28.57 6.93
N GLN F 23 -2.20 28.22 8.21
CA GLN F 23 -1.99 26.82 8.58
C GLN F 23 -3.19 25.97 8.20
N TYR F 24 -4.39 26.43 8.55
CA TYR F 24 -5.60 25.71 8.15
C TYR F 24 -5.61 25.50 6.62
N PHE F 25 -5.45 26.59 5.86
CA PHE F 25 -5.33 26.47 4.41
C PHE F 25 -4.40 25.33 4.02
N SER F 26 -3.17 25.38 4.51
CA SER F 26 -2.18 24.35 4.18
C SER F 26 -2.72 22.96 4.42
N THR F 27 -3.11 22.66 5.67
CA THR F 27 -3.59 21.33 6.01
C THR F 27 -4.68 20.89 5.03
N LEU F 28 -5.68 21.74 4.80
CA LEU F 28 -6.78 21.36 3.92
C LEU F 28 -6.28 21.01 2.53
N TYR F 29 -5.49 21.89 1.93
CA TYR F 29 -5.00 21.63 0.58
C TYR F 29 -4.23 20.32 0.51
N LYS F 30 -3.43 20.03 1.55
CA LYS F 30 -2.69 18.76 1.57
C LYS F 30 -3.65 17.57 1.58
N THR F 31 -4.60 17.56 2.52
CA THR F 31 -5.54 16.45 2.59
C THR F 31 -6.26 16.26 1.26
N GLN F 32 -6.65 17.37 0.62
CA GLN F 32 -7.28 17.29 -0.69
C GLN F 32 -6.35 16.61 -1.70
N VAL F 33 -5.09 17.06 -1.75
CA VAL F 33 -4.10 16.42 -2.62
C VAL F 33 -4.13 14.91 -2.41
N LYS F 34 -4.02 14.46 -1.17
CA LYS F 34 -4.02 13.03 -0.89
C LYS F 34 -5.29 12.37 -1.43
N GLU F 35 -6.45 12.90 -1.06
CA GLU F 35 -7.71 12.29 -1.47
C GLU F 35 -7.76 12.09 -2.98
N LEU F 36 -7.34 13.09 -3.75
CA LEU F 36 -7.32 12.95 -5.20
C LEU F 36 -6.31 11.89 -5.63
N LYS F 37 -5.08 11.97 -5.10
CA LYS F 37 -4.05 11.01 -5.48
C LYS F 37 -4.48 9.57 -5.21
N GLU F 38 -5.45 9.35 -4.33
CA GLU F 38 -6.00 8.01 -4.17
C GLU F 38 -7.16 7.75 -5.13
N GLU F 39 -8.06 8.73 -5.29
CA GLU F 39 -9.16 8.57 -6.22
C GLU F 39 -8.68 8.21 -7.62
N ILE F 40 -7.49 8.68 -8.00
CA ILE F 40 -6.97 8.38 -9.34
C ILE F 40 -6.52 6.93 -9.42
N GLU F 41 -5.90 6.41 -8.35
CA GLU F 41 -5.50 5.02 -8.35
C GLU F 41 -6.71 4.10 -8.43
N GLU F 42 -7.72 4.36 -7.58
CA GLU F 42 -8.89 3.50 -7.57
C GLU F 42 -9.68 3.61 -8.88
N LYS F 43 -9.84 4.84 -9.40
CA LYS F 43 -10.48 5.00 -10.68
C LYS F 43 -9.74 4.23 -11.77
N ASN F 44 -8.41 4.31 -11.76
CA ASN F 44 -7.61 3.51 -12.69
C ASN F 44 -7.97 2.04 -12.58
N ARG F 45 -8.01 1.51 -11.35
CA ARG F 45 -8.38 0.11 -11.16
C ARG F 45 -9.72 -0.19 -11.81
N GLU F 46 -10.75 0.61 -11.49
CA GLU F 46 -12.08 0.35 -12.04
C GLU F 46 -12.05 0.34 -13.56
N ASN F 47 -11.39 1.33 -14.16
CA ASN F 47 -11.29 1.39 -15.62
C ASN F 47 -10.67 0.11 -16.18
N LEU F 48 -9.54 -0.31 -15.61
CA LEU F 48 -8.90 -1.53 -16.07
C LEU F 48 -9.87 -2.71 -16.00
N LYS F 49 -10.54 -2.88 -14.85
CA LYS F 49 -11.50 -3.96 -14.73
C LYS F 49 -12.55 -3.91 -15.85
N LYS F 50 -13.05 -2.71 -16.14
CA LYS F 50 -14.12 -2.59 -17.13
C LYS F 50 -13.62 -2.93 -18.52
N ILE F 51 -12.44 -2.44 -18.91
CA ILE F 51 -11.98 -2.70 -20.27
C ILE F 51 -11.59 -4.16 -20.43
N GLN F 52 -11.08 -4.79 -19.37
CA GLN F 52 -10.82 -6.23 -19.44
C GLN F 52 -12.12 -6.99 -19.63
N GLU F 53 -13.13 -6.64 -18.84
CA GLU F 53 -14.47 -7.23 -19.01
C GLU F 53 -14.92 -7.13 -20.46
N LEU F 54 -14.98 -5.91 -20.99
CA LEU F 54 -15.48 -5.70 -22.34
C LEU F 54 -14.63 -6.43 -23.37
N GLN F 55 -13.32 -6.54 -23.12
CA GLN F 55 -12.46 -7.29 -24.02
C GLN F 55 -12.87 -8.76 -24.05
N ASN F 56 -13.19 -9.33 -22.88
CA ASN F 56 -13.68 -10.70 -22.87
C ASN F 56 -15.03 -10.82 -23.55
N GLU F 57 -15.88 -9.80 -23.42
CA GLU F 57 -17.16 -9.82 -24.11
C GLU F 57 -16.96 -9.89 -25.62
N LYS F 58 -16.16 -8.97 -26.17
CA LYS F 58 -15.90 -9.01 -27.62
C LYS F 58 -15.24 -10.32 -28.02
N GLU F 59 -14.40 -10.87 -27.14
CA GLU F 59 -13.73 -12.13 -27.44
C GLU F 59 -14.76 -13.24 -27.61
N THR F 60 -15.63 -13.43 -26.62
CA THR F 60 -16.64 -14.49 -26.73
C THR F 60 -17.54 -14.26 -27.93
N LEU F 61 -17.94 -13.01 -28.17
CA LEU F 61 -18.73 -12.72 -29.36
C LEU F 61 -17.98 -13.11 -30.62
N ALA F 62 -16.65 -13.03 -30.61
CA ALA F 62 -15.86 -13.47 -31.76
C ALA F 62 -15.92 -14.98 -31.90
N THR F 63 -15.73 -15.72 -30.79
CA THR F 63 -15.86 -17.17 -30.85
C THR F 63 -17.24 -17.57 -31.37
N GLN F 64 -18.27 -16.77 -31.09
CA GLN F 64 -19.57 -17.03 -31.70
C GLN F 64 -19.59 -16.65 -33.17
N LEU F 65 -18.80 -15.66 -33.56
CA LEU F 65 -18.67 -15.32 -34.98
C LEU F 65 -17.98 -16.44 -35.76
N ASP F 66 -17.19 -17.28 -35.08
CA ASP F 66 -16.56 -18.40 -35.77
C ASP F 66 -17.61 -19.29 -36.43
N LEU F 67 -18.66 -19.65 -35.68
CA LEU F 67 -19.74 -20.51 -36.17
C LEU F 67 -19.22 -21.66 -37.02
N ALA F 68 -18.05 -22.19 -36.67
CA ALA F 68 -17.43 -23.27 -37.42
C ALA F 68 -17.26 -22.89 -38.89
N THR G 6 52.59 52.27 32.67
CA THR G 6 52.01 53.28 33.54
C THR G 6 50.75 52.72 34.20
N SER G 7 49.58 53.17 33.75
CA SER G 7 48.31 52.68 34.28
C SER G 7 47.33 52.25 33.19
N ASP G 8 47.64 52.47 31.92
CA ASP G 8 46.74 52.11 30.85
C ASP G 8 46.69 50.59 30.68
N LEU G 9 45.67 50.13 29.98
CA LEU G 9 45.45 48.69 29.81
C LEU G 9 46.55 48.11 28.93
N ASP G 10 46.42 46.85 28.56
CA ASP G 10 47.46 46.13 27.84
C ASP G 10 47.27 46.26 26.32
N HIS G 11 48.28 45.81 25.59
CA HIS G 11 48.38 45.99 24.15
C HIS G 11 48.18 44.70 23.35
N ASP G 12 48.82 43.61 23.77
CA ASP G 12 48.72 42.35 23.04
C ASP G 12 47.27 42.02 22.68
N LEU G 13 46.36 42.17 23.64
CA LEU G 13 44.95 41.90 23.36
C LEU G 13 44.43 42.84 22.29
N SER G 14 44.75 44.13 22.40
CA SER G 14 44.29 45.11 21.43
C SER G 14 44.78 44.78 20.02
N VAL G 15 46.08 44.51 19.88
CA VAL G 15 46.63 44.19 18.56
C VAL G 15 45.99 42.91 18.02
N LYS G 16 45.70 41.96 18.91
CA LYS G 16 44.98 40.75 18.49
C LYS G 16 43.61 41.13 17.92
N LYS G 17 42.89 42.01 18.61
CA LYS G 17 41.63 42.53 18.08
C LYS G 17 41.84 43.11 16.69
N GLN G 18 42.85 43.96 16.52
CA GLN G 18 43.09 44.57 15.22
C GLN G 18 43.31 43.52 14.14
N GLU G 19 44.13 42.51 14.43
CA GLU G 19 44.31 41.40 13.50
C GLU G 19 42.96 40.84 13.07
N LEU G 20 42.13 40.48 14.05
CA LEU G 20 40.83 39.91 13.72
C LEU G 20 40.03 40.86 12.84
N ILE G 21 40.03 42.16 13.19
CA ILE G 21 39.28 43.14 12.41
C ILE G 21 39.71 43.13 10.95
N GLU G 22 41.00 43.37 10.70
CA GLU G 22 41.46 43.44 9.32
C GLU G 22 41.14 42.14 8.57
N SER G 23 41.36 41.00 9.22
CA SER G 23 41.09 39.72 8.56
C SER G 23 39.62 39.61 8.15
N ILE G 24 38.70 39.80 9.11
CA ILE G 24 37.28 39.64 8.80
C ILE G 24 36.83 40.63 7.75
N SER G 25 37.30 41.88 7.84
CA SER G 25 36.94 42.87 6.82
C SER G 25 37.39 42.42 5.45
N ARG G 26 38.59 41.84 5.35
CA ARG G 26 39.05 41.33 4.07
C ARG G 26 38.16 40.21 3.57
N LYS G 27 37.83 39.24 4.45
CA LYS G 27 37.00 38.12 4.03
C LYS G 27 35.63 38.59 3.53
N LEU G 28 34.99 39.49 4.29
CA LEU G 28 33.70 40.01 3.85
C LEU G 28 33.84 40.74 2.52
N GLN G 29 34.95 41.45 2.31
CA GLN G 29 35.18 42.06 1.00
C GLN G 29 35.16 41.00 -0.10
N VAL G 30 35.91 39.91 0.09
CA VAL G 30 35.91 38.83 -0.89
C VAL G 30 34.48 38.36 -1.14
N LEU G 31 33.71 38.21 -0.07
CA LEU G 31 32.31 37.79 -0.21
C LEU G 31 31.53 38.79 -1.04
N ARG G 32 31.81 40.08 -0.90
CA ARG G 32 31.11 41.09 -1.69
C ARG G 32 31.42 40.94 -3.18
N GLU G 33 32.71 40.81 -3.52
CA GLU G 33 33.06 40.58 -4.92
C GLU G 33 32.33 39.35 -5.46
N ALA G 34 32.36 38.25 -4.69
CA ALA G 34 31.63 37.06 -5.09
C ALA G 34 30.15 37.35 -5.30
N ARG G 35 29.59 38.23 -4.47
CA ARG G 35 28.18 38.60 -4.64
C ARG G 35 27.95 39.31 -5.97
N GLU G 36 28.84 40.23 -6.34
CA GLU G 36 28.68 40.93 -7.60
C GLU G 36 28.77 39.96 -8.78
N SER G 37 29.83 39.16 -8.81
CA SER G 37 29.98 38.19 -9.90
C SER G 37 28.76 37.28 -9.99
N LEU G 38 28.33 36.72 -8.86
CA LEU G 38 27.14 35.87 -8.85
C LEU G 38 25.91 36.64 -9.32
N LEU G 39 25.85 37.94 -9.06
CA LEU G 39 24.73 38.73 -9.57
C LEU G 39 24.75 38.78 -11.09
N GLU G 40 25.92 39.04 -11.68
CA GLU G 40 26.03 38.94 -13.13
C GLU G 40 25.55 37.58 -13.62
N ASP G 41 25.93 36.51 -12.91
CA ASP G 41 25.47 35.18 -13.29
C ASP G 41 23.95 35.09 -13.26
N VAL G 42 23.33 35.66 -12.23
CA VAL G 42 21.87 35.62 -12.12
C VAL G 42 21.24 36.36 -13.29
N GLN G 43 21.87 37.47 -13.70
CA GLN G 43 21.37 38.23 -14.84
C GLN G 43 21.41 37.40 -16.11
N ALA G 44 22.58 36.84 -16.43
CA ALA G 44 22.72 36.05 -17.65
C ALA G 44 21.74 34.87 -17.66
N ASN G 45 21.68 34.14 -16.55
CA ASN G 45 20.76 33.01 -16.50
C ASN G 45 19.31 33.47 -16.60
N THR G 46 18.99 34.66 -16.09
CA THR G 46 17.62 35.17 -16.18
C THR G 46 17.25 35.47 -17.63
N VAL G 47 18.12 36.18 -18.35
CA VAL G 47 17.84 36.46 -19.76
C VAL G 47 17.70 35.15 -20.52
N LEU G 48 18.61 34.20 -20.28
CA LEU G 48 18.45 32.87 -20.86
C LEU G 48 17.07 32.30 -20.53
N GLY G 49 16.61 32.51 -19.30
CA GLY G 49 15.29 32.02 -18.93
C GLY G 49 14.19 32.62 -19.80
N ALA G 50 14.22 33.94 -19.99
CA ALA G 50 13.23 34.57 -20.85
C ALA G 50 13.29 34.01 -22.27
N GLU G 51 14.50 33.85 -22.82
CA GLU G 51 14.63 33.30 -24.16
C GLU G 51 14.01 31.91 -24.26
N VAL G 52 14.46 30.99 -23.39
CA VAL G 52 13.91 29.64 -23.40
C VAL G 52 12.40 29.67 -23.25
N GLU G 53 11.89 30.54 -22.38
CA GLU G 53 10.45 30.67 -22.23
C GLU G 53 9.78 31.01 -23.55
N ALA G 54 10.38 31.94 -24.31
CA ALA G 54 9.82 32.26 -25.62
C ALA G 54 9.83 31.04 -26.53
N ILE G 55 10.98 30.36 -26.61
CA ILE G 55 11.09 29.20 -27.50
C ILE G 55 10.03 28.16 -27.15
N VAL G 56 9.82 27.94 -25.85
CA VAL G 56 8.84 26.95 -25.41
C VAL G 56 7.44 27.40 -25.77
N LYS G 57 7.17 28.70 -25.63
CA LYS G 57 5.89 29.22 -26.10
C LYS G 57 5.68 28.93 -27.57
N GLY G 58 6.76 28.98 -28.36
CA GLY G 58 6.63 28.74 -29.79
C GLY G 58 6.40 27.27 -30.13
N VAL G 59 7.21 26.38 -29.56
CA VAL G 59 7.15 24.98 -30.00
C VAL G 59 6.01 24.23 -29.30
N CYS G 60 5.76 24.53 -28.03
CA CYS G 60 4.84 23.73 -27.25
C CYS G 60 3.40 24.25 -27.38
N LYS G 61 2.46 23.45 -26.89
CA LYS G 61 1.05 23.83 -26.87
C LYS G 61 0.80 24.83 -25.74
N PRO G 62 -0.40 25.40 -25.68
CA PRO G 62 -0.69 26.35 -24.58
C PRO G 62 -0.78 25.67 -23.22
N SER G 63 -1.45 24.51 -23.15
CA SER G 63 -1.56 23.80 -21.88
C SER G 63 -0.18 23.38 -21.38
N GLU G 64 0.66 22.90 -22.29
CA GLU G 64 2.02 22.50 -21.90
C GLU G 64 2.83 23.69 -21.40
N PHE G 65 2.66 24.84 -22.05
CA PHE G 65 3.38 26.04 -21.62
C PHE G 65 2.91 26.49 -20.24
N ASP G 66 1.60 26.44 -20.00
CA ASP G 66 1.07 26.81 -18.69
C ASP G 66 1.60 25.86 -17.62
N LYS G 67 1.64 24.56 -17.92
CA LYS G 67 2.20 23.60 -16.98
C LYS G 67 3.68 23.84 -16.74
N PHE G 68 4.40 24.29 -17.78
CA PHE G 68 5.82 24.58 -17.66
C PHE G 68 6.06 25.74 -16.70
N ARG G 69 5.47 26.90 -16.99
CA ARG G 69 5.65 28.04 -16.10
C ARG G 69 5.17 27.73 -14.69
N MET G 70 4.06 26.98 -14.56
CA MET G 70 3.64 26.52 -13.24
C MET G 70 4.77 25.76 -12.56
N PHE G 71 5.38 24.82 -13.27
CA PHE G 71 6.50 24.07 -12.71
C PHE G 71 7.58 25.01 -12.18
N ILE G 72 8.02 25.96 -13.02
CA ILE G 72 9.13 26.82 -12.62
C ILE G 72 8.77 27.60 -11.36
N GLY G 73 7.58 28.20 -11.34
CA GLY G 73 7.15 28.89 -10.13
C GLY G 73 7.24 28.01 -8.90
N ASP G 74 6.72 26.77 -9.01
CA ASP G 74 6.81 25.85 -7.89
C ASP G 74 8.26 25.56 -7.52
N LEU G 75 9.15 25.54 -8.50
CA LEU G 75 10.56 25.32 -8.22
C LEU G 75 11.12 26.43 -7.32
N ASP G 76 11.03 27.67 -7.80
CA ASP G 76 11.53 28.80 -7.01
C ASP G 76 10.95 28.78 -5.60
N LYS G 77 9.61 28.67 -5.50
CA LYS G 77 8.98 28.68 -4.19
C LYS G 77 9.50 27.55 -3.31
N VAL G 78 9.65 26.35 -3.88
CA VAL G 78 10.12 25.20 -3.11
C VAL G 78 11.52 25.47 -2.56
N VAL G 79 12.44 25.92 -3.42
CA VAL G 79 13.80 26.19 -2.97
C VAL G 79 13.78 27.17 -1.80
N ASN G 80 13.15 28.34 -2.01
CA ASN G 80 13.09 29.32 -0.94
C ASN G 80 12.53 28.71 0.35
N LEU G 81 11.55 27.82 0.22
CA LEU G 81 10.97 27.18 1.39
C LEU G 81 12.00 26.34 2.12
N LEU G 82 12.71 25.47 1.39
CA LEU G 82 13.73 24.64 2.04
C LEU G 82 14.82 25.48 2.68
N LEU G 83 15.13 26.64 2.10
CA LEU G 83 16.17 27.48 2.69
C LEU G 83 15.69 28.11 3.99
N SER G 84 14.44 28.61 4.02
CA SER G 84 13.92 29.16 5.27
C SER G 84 13.81 28.07 6.35
N LEU G 85 13.33 26.88 5.97
CA LEU G 85 13.16 25.81 6.94
C LEU G 85 14.50 25.34 7.50
N SER G 86 15.44 25.00 6.61
CA SER G 86 16.76 24.60 7.07
C SER G 86 17.40 25.70 7.90
N GLY G 87 17.12 26.96 7.56
CA GLY G 87 17.60 28.08 8.33
C GLY G 87 17.11 28.06 9.75
N ARG G 88 15.79 28.03 9.96
CA ARG G 88 15.27 28.04 11.32
C ARG G 88 15.70 26.79 12.10
N LEU G 89 15.72 25.63 11.43
CA LEU G 89 16.16 24.41 12.10
C LEU G 89 17.59 24.57 12.61
N ALA G 90 18.47 25.14 11.79
CA ALA G 90 19.83 25.41 12.27
C ALA G 90 19.81 26.43 13.40
N ARG G 91 18.90 27.42 13.32
CA ARG G 91 18.76 28.40 14.39
C ARG G 91 18.56 27.71 15.73
N VAL G 92 17.53 26.85 15.82
CA VAL G 92 17.25 26.20 17.09
C VAL G 92 18.36 25.23 17.46
N GLU G 93 18.95 24.56 16.47
CA GLU G 93 20.01 23.60 16.77
C GLU G 93 21.18 24.28 17.46
N ASN G 94 21.66 25.40 16.91
CA ASN G 94 22.73 26.13 17.57
C ASN G 94 22.25 26.76 18.86
N ALA G 95 20.97 27.14 18.93
CA ALA G 95 20.43 27.68 20.16
C ALA G 95 20.50 26.67 21.29
N LEU G 96 20.48 25.38 20.96
CA LEU G 96 20.69 24.35 21.97
C LEU G 96 22.18 24.10 22.19
N ASN G 97 22.95 24.00 21.11
CA ASN G 97 24.37 23.72 21.24
C ASN G 97 25.08 24.75 22.10
N ASN G 98 24.63 26.02 22.04
CA ASN G 98 25.28 27.06 22.83
C ASN G 98 24.97 26.89 24.31
N LEU G 99 23.71 26.65 24.65
CA LEU G 99 23.32 26.42 26.04
C LEU G 99 23.41 24.94 26.36
N PRO G 105 11.94 27.42 32.20
CA PRO G 105 11.88 25.96 32.31
C PRO G 105 11.01 25.32 31.25
N GLY G 106 9.69 25.58 31.31
CA GLY G 106 8.81 25.05 30.30
C GLY G 106 9.06 25.66 28.93
N ASP G 107 9.57 26.89 28.90
CA ASP G 107 9.90 27.51 27.62
C ASP G 107 10.87 26.66 26.83
N ARG G 108 11.82 26.01 27.52
CA ARG G 108 12.73 25.11 26.84
C ARG G 108 11.98 23.96 26.18
N GLN G 109 11.09 23.31 26.94
CA GLN G 109 10.27 22.25 26.38
C GLN G 109 9.54 22.73 25.13
N SER G 110 8.92 23.92 25.21
CA SER G 110 8.27 24.49 24.04
C SER G 110 9.26 24.63 22.89
N LEU G 111 10.53 24.95 23.19
CA LEU G 111 11.53 25.05 22.14
C LEU G 111 11.75 23.68 21.49
N LEU G 112 11.81 22.62 22.31
CA LEU G 112 11.94 21.28 21.76
C LEU G 112 10.77 20.97 20.83
N GLU G 113 9.56 21.34 21.24
CA GLU G 113 8.40 21.13 20.38
C GLU G 113 8.57 21.88 19.07
N LYS G 114 9.04 23.13 19.14
CA LYS G 114 9.33 23.87 17.91
C LYS G 114 10.27 23.07 17.02
N GLN G 115 11.31 22.46 17.60
CA GLN G 115 12.18 21.60 16.80
C GLN G 115 11.40 20.48 16.13
N ARG G 116 10.53 19.81 16.90
CA ARG G 116 9.76 18.70 16.34
C ARG G 116 8.94 19.16 15.14
N VAL G 117 8.07 20.15 15.34
CA VAL G 117 7.20 20.60 14.25
C VAL G 117 8.03 21.07 13.07
N LEU G 118 9.18 21.69 13.35
CA LEU G 118 10.03 22.18 12.26
C LEU G 118 10.58 21.03 11.44
N ILE G 119 11.00 19.94 12.10
CA ILE G 119 11.50 18.78 11.37
C ILE G 119 10.37 18.14 10.58
N GLN G 120 9.17 18.06 11.16
CA GLN G 120 8.03 17.54 10.42
C GLN G 120 7.79 18.35 9.14
N GLN G 121 7.72 19.67 9.28
CA GLN G 121 7.58 20.53 8.11
C GLN G 121 8.70 20.27 7.11
N HIS G 122 9.92 20.02 7.60
CA HIS G 122 11.03 19.74 6.70
C HIS G 122 10.79 18.46 5.91
N GLU G 123 10.28 17.41 6.58
CA GLU G 123 9.99 16.17 5.88
C GLU G 123 8.90 16.38 4.82
N ASP G 124 7.82 17.04 5.20
CA ASP G 124 6.77 17.36 4.23
C ASP G 124 7.37 18.07 3.02
N ALA G 125 8.16 19.11 3.26
CA ALA G 125 8.82 19.83 2.17
C ALA G 125 9.71 18.90 1.35
N LYS G 126 10.30 17.90 2.00
CA LYS G 126 11.13 16.92 1.29
C LYS G 126 10.29 16.14 0.28
N GLU G 127 9.19 15.53 0.76
CA GLU G 127 8.29 14.81 -0.14
C GLU G 127 7.84 15.71 -1.30
N LEU G 128 7.40 16.93 -0.97
CA LEU G 128 6.97 17.85 -2.02
C LEU G 128 8.10 18.11 -3.02
N LYS G 129 9.34 18.24 -2.52
CA LYS G 129 10.48 18.42 -3.42
C LYS G 129 10.59 17.22 -4.36
N GLU G 130 10.43 16.01 -3.84
CA GLU G 130 10.47 14.82 -4.68
C GLU G 130 9.40 14.90 -5.78
N ASN G 131 8.16 15.19 -5.40
CA ASN G 131 7.10 15.30 -6.40
C ASN G 131 7.46 16.32 -7.46
N LEU G 132 8.01 17.46 -7.05
CA LEU G 132 8.43 18.47 -8.00
C LEU G 132 9.49 17.93 -8.94
N ASP G 133 10.39 17.10 -8.42
CA ASP G 133 11.41 16.48 -9.27
C ASP G 133 10.76 15.59 -10.32
N ARG G 134 9.80 14.75 -9.91
CA ARG G 134 9.05 13.98 -10.89
C ARG G 134 8.51 14.88 -11.98
N ARG G 135 7.78 15.93 -11.60
CA ARG G 135 7.24 16.85 -12.60
C ARG G 135 8.33 17.36 -13.53
N GLU G 136 9.47 17.77 -12.95
CA GLU G 136 10.59 18.22 -13.76
C GLU G 136 10.97 17.20 -14.82
N ARG G 137 11.19 15.95 -14.40
CA ARG G 137 11.56 14.91 -15.35
C ARG G 137 10.52 14.76 -16.44
N ILE G 138 9.24 14.87 -16.09
CA ILE G 138 8.18 14.78 -17.10
C ILE G 138 8.35 15.89 -18.13
N VAL G 139 8.51 17.14 -17.66
CA VAL G 139 8.67 18.25 -18.60
C VAL G 139 9.90 18.04 -19.48
N PHE G 140 10.98 17.51 -18.90
CA PHE G 140 12.17 17.20 -19.70
C PHE G 140 11.82 16.20 -20.79
N ASP G 141 11.08 15.14 -20.44
CA ASP G 141 10.76 14.10 -21.41
C ASP G 141 9.91 14.64 -22.55
N ILE G 142 8.87 15.41 -22.22
CA ILE G 142 8.00 15.91 -23.29
C ILE G 142 8.73 16.96 -24.13
N LEU G 143 9.66 17.70 -23.53
CA LEU G 143 10.32 18.79 -24.24
C LEU G 143 11.43 18.28 -25.14
N ALA G 144 12.03 17.13 -24.82
CA ALA G 144 13.09 16.59 -25.67
C ALA G 144 12.62 16.38 -27.11
N ASN G 145 11.36 15.97 -27.28
CA ASN G 145 10.86 15.65 -28.62
C ASN G 145 10.64 16.89 -29.49
N TYR G 146 10.21 18.00 -28.90
CA TYR G 146 9.80 19.14 -29.73
C TYR G 146 10.98 19.89 -30.30
N LEU G 147 12.03 20.09 -29.52
CA LEU G 147 13.10 21.00 -29.87
C LEU G 147 14.41 20.25 -30.09
N SER G 148 15.39 20.95 -30.66
CA SER G 148 16.69 20.35 -30.94
C SER G 148 17.45 20.06 -29.64
N GLU G 149 18.54 19.29 -29.78
CA GLU G 149 19.32 18.87 -28.62
C GLU G 149 20.14 20.00 -28.03
N GLU G 150 20.66 20.91 -28.86
CA GLU G 150 21.47 22.01 -28.33
C GLU G 150 20.65 22.88 -27.40
N SER G 151 19.51 23.37 -27.88
CA SER G 151 18.62 24.14 -27.03
C SER G 151 18.23 23.36 -25.79
N LEU G 152 18.15 22.02 -25.89
CA LEU G 152 17.87 21.21 -24.71
C LEU G 152 19.00 21.35 -23.70
N ALA G 153 20.26 21.25 -24.16
CA ALA G 153 21.39 21.48 -23.28
C ALA G 153 21.30 22.84 -22.61
N ASP G 154 20.94 23.88 -23.39
CA ASP G 154 20.78 25.20 -22.81
C ASP G 154 19.69 25.20 -21.74
N TYR G 155 18.61 24.48 -21.98
CA TYR G 155 17.50 24.42 -21.03
C TYR G 155 17.95 23.76 -19.73
N GLU G 156 18.54 22.57 -19.83
CA GLU G 156 19.00 21.86 -18.63
C GLU G 156 19.97 22.72 -17.84
N HIS G 157 21.00 23.25 -18.52
CA HIS G 157 21.94 24.17 -17.86
C HIS G 157 21.18 25.29 -17.15
N PHE G 158 20.14 25.83 -17.81
CA PHE G 158 19.38 26.92 -17.20
C PHE G 158 18.69 26.47 -15.92
N VAL G 159 17.98 25.34 -15.97
CA VAL G 159 17.22 24.88 -14.80
C VAL G 159 18.17 24.65 -13.64
N LYS G 160 19.25 23.90 -13.85
CA LYS G 160 20.20 23.67 -12.78
C LYS G 160 20.76 24.99 -12.25
N MET G 161 21.08 25.90 -13.17
CA MET G 161 21.68 27.17 -12.80
C MET G 161 20.75 28.00 -11.92
N LYS G 162 19.44 27.93 -12.16
CA LYS G 162 18.51 28.75 -11.37
C LYS G 162 18.53 28.33 -9.91
N SER G 163 18.13 27.08 -9.63
CA SER G 163 18.11 26.60 -8.26
C SER G 163 19.47 26.77 -7.61
N ALA G 164 20.53 26.26 -8.26
CA ALA G 164 21.86 26.37 -7.67
C ALA G 164 22.20 27.82 -7.36
N LEU G 165 21.79 28.74 -8.23
CA LEU G 165 22.12 30.14 -8.04
C LEU G 165 21.38 30.71 -6.84
N ILE G 166 20.11 30.35 -6.67
CA ILE G 166 19.33 30.81 -5.52
C ILE G 166 19.97 30.32 -4.23
N ILE G 167 20.34 29.03 -4.19
CA ILE G 167 20.94 28.46 -3.00
C ILE G 167 22.25 29.18 -2.69
N GLU G 168 23.23 29.07 -3.59
CA GLU G 168 24.53 29.70 -3.37
C GLU G 168 24.37 31.17 -3.02
N GLN G 169 23.38 31.83 -3.62
CA GLN G 169 23.18 33.26 -3.40
C GLN G 169 22.73 33.54 -1.98
N ARG G 170 21.69 32.84 -1.50
CA ARG G 170 21.21 33.08 -0.15
C ARG G 170 22.26 32.68 0.88
N GLU G 171 22.93 31.55 0.64
CA GLU G 171 24.03 31.13 1.51
C GLU G 171 25.07 32.23 1.65
N LEU G 172 25.56 32.73 0.51
CA LEU G 172 26.56 33.80 0.54
C LEU G 172 26.03 35.02 1.31
N GLU G 173 24.80 35.44 1.01
CA GLU G 173 24.23 36.59 1.69
C GLU G 173 24.24 36.40 3.20
N ASP G 174 23.89 35.19 3.66
CA ASP G 174 23.93 34.91 5.09
C ASP G 174 25.35 35.06 5.64
N LYS G 175 26.33 34.46 4.96
CA LYS G 175 27.71 34.55 5.45
C LYS G 175 28.14 36.01 5.58
N ILE G 176 27.99 36.79 4.51
CA ILE G 176 28.42 38.19 4.57
C ILE G 176 27.67 38.93 5.67
N HIS G 177 26.39 38.62 5.84
CA HIS G 177 25.62 39.25 6.91
C HIS G 177 26.26 38.97 8.27
N LEU G 178 26.60 37.71 8.54
CA LEU G 178 27.26 37.37 9.80
C LEU G 178 28.57 38.15 9.96
N GLY G 179 29.43 38.11 8.94
CA GLY G 179 30.68 38.83 9.04
C GLY G 179 30.50 40.30 9.38
N GLU G 180 29.55 40.95 8.69
CA GLU G 180 29.27 42.36 8.97
C GLU G 180 28.80 42.56 10.41
N GLU G 181 27.83 41.76 10.85
CA GLU G 181 27.29 41.93 12.20
C GLU G 181 28.38 41.77 13.26
N GLN G 182 29.15 40.68 13.17
CA GLN G 182 30.26 40.49 14.10
C GLN G 182 31.23 41.67 14.04
N LEU G 183 31.51 42.17 12.83
CA LEU G 183 32.35 43.34 12.67
C LEU G 183 31.81 44.50 13.50
N LYS G 184 30.50 44.77 13.39
CA LYS G 184 29.90 45.81 14.21
C LYS G 184 30.12 45.53 15.69
N CYS G 185 29.85 44.30 16.13
CA CYS G 185 29.98 43.97 17.55
C CYS G 185 31.36 44.32 18.08
N LEU G 186 32.42 43.96 17.34
CA LEU G 186 33.75 44.26 17.85
C LEU G 186 34.09 45.74 17.69
N LEU G 187 33.68 46.36 16.58
CA LEU G 187 34.03 47.74 16.31
C LEU G 187 33.35 48.70 17.28
N ASP G 188 32.25 48.28 17.90
CA ASP G 188 31.58 49.11 18.91
C ASP G 188 32.32 49.13 20.25
N SER G 189 33.08 48.07 20.55
CA SER G 189 33.83 47.98 21.80
C SER G 189 35.32 48.06 21.47
N LEU G 190 35.81 49.28 21.29
CA LEU G 190 37.20 49.52 20.93
C LEU G 190 37.65 48.59 19.80
N LEU H 9 -28.34 66.17 39.67
CA LEU H 9 -28.60 65.55 38.37
C LEU H 9 -27.51 64.53 38.02
N ASP H 10 -26.24 64.94 38.13
CA ASP H 10 -25.15 64.02 37.89
C ASP H 10 -25.35 62.71 38.65
N HIS H 11 -26.01 62.78 39.81
CA HIS H 11 -26.33 61.57 40.56
C HIS H 11 -27.11 60.62 39.67
N ASP H 12 -28.11 61.15 38.95
CA ASP H 12 -28.84 60.34 37.97
C ASP H 12 -27.88 59.60 37.06
N LEU H 13 -26.82 60.27 36.61
CA LEU H 13 -25.82 59.62 35.77
C LEU H 13 -25.19 58.45 36.53
N SER H 14 -24.83 58.67 37.79
CA SER H 14 -24.24 57.59 38.58
C SER H 14 -25.19 56.40 38.68
N VAL H 15 -26.47 56.66 38.99
CA VAL H 15 -27.44 55.58 39.11
C VAL H 15 -27.61 54.87 37.77
N LYS H 16 -27.55 55.61 36.67
CA LYS H 16 -27.57 54.98 35.35
C LYS H 16 -26.40 54.02 35.19
N LYS H 17 -25.20 54.44 35.59
CA LYS H 17 -24.08 53.50 35.57
C LYS H 17 -24.40 52.24 36.37
N GLN H 18 -24.84 52.41 37.61
CA GLN H 18 -25.15 51.27 38.47
C GLN H 18 -26.15 50.33 37.79
N GLU H 19 -27.35 50.86 37.50
CA GLU H 19 -28.40 50.11 36.82
C GLU H 19 -27.84 49.37 35.61
N LEU H 20 -27.16 50.09 34.72
CA LEU H 20 -26.62 49.47 33.52
C LEU H 20 -25.71 48.30 33.89
N ILE H 21 -24.81 48.51 34.85
CA ILE H 21 -23.91 47.44 35.27
C ILE H 21 -24.70 46.23 35.73
N GLU H 22 -25.83 46.46 36.41
CA GLU H 22 -26.66 45.34 36.83
C GLU H 22 -27.22 44.58 35.62
N SER H 23 -27.76 45.31 34.65
CA SER H 23 -28.34 44.66 33.47
C SER H 23 -27.28 43.88 32.70
N ILE H 24 -26.18 44.55 32.33
CA ILE H 24 -25.14 43.91 31.54
C ILE H 24 -24.56 42.72 32.29
N SER H 25 -24.32 42.88 33.59
CA SER H 25 -23.80 41.77 34.40
C SER H 25 -24.75 40.58 34.34
N ARG H 26 -26.05 40.83 34.52
CA ARG H 26 -27.03 39.76 34.41
C ARG H 26 -26.94 39.09 33.04
N LYS H 27 -26.76 39.90 31.99
CA LYS H 27 -26.58 39.30 30.66
C LYS H 27 -25.38 38.37 30.65
N LEU H 28 -24.25 38.80 31.24
CA LEU H 28 -23.09 37.93 31.27
C LEU H 28 -23.38 36.62 32.00
N GLN H 29 -24.13 36.69 33.09
CA GLN H 29 -24.51 35.45 33.78
C GLN H 29 -25.33 34.54 32.87
N VAL H 30 -26.37 35.08 32.24
CA VAL H 30 -27.19 34.25 31.34
C VAL H 30 -26.32 33.63 30.26
N LEU H 31 -25.44 34.43 29.66
CA LEU H 31 -24.55 33.91 28.61
C LEU H 31 -23.66 32.80 29.14
N ARG H 32 -23.19 32.93 30.39
CA ARG H 32 -22.35 31.89 30.98
C ARG H 32 -23.14 30.60 31.17
N GLU H 33 -24.34 30.69 31.74
CA GLU H 33 -25.17 29.49 31.88
C GLU H 33 -25.40 28.82 30.52
N ALA H 34 -25.79 29.62 29.52
CA ALA H 34 -25.97 29.07 28.18
C ALA H 34 -24.68 28.43 27.67
N ARG H 35 -23.53 29.02 28.00
CA ARG H 35 -22.25 28.45 27.60
C ARG H 35 -22.03 27.09 28.23
N GLU H 36 -22.37 26.95 29.51
CA GLU H 36 -22.21 25.67 30.19
C GLU H 36 -23.13 24.61 29.60
N SER H 37 -24.42 24.93 29.46
CA SER H 37 -25.36 23.97 28.87
C SER H 37 -24.90 23.55 27.48
N LEU H 38 -24.55 24.53 26.63
CA LEU H 38 -24.05 24.21 25.30
C LEU H 38 -22.78 23.39 25.36
N LEU H 39 -21.95 23.61 26.38
CA LEU H 39 -20.75 22.80 26.54
C LEU H 39 -21.12 21.35 26.84
N GLU H 40 -22.08 21.14 27.74
CA GLU H 40 -22.61 19.79 27.95
C GLU H 40 -23.07 19.20 26.63
N ASP H 41 -23.71 20.01 25.79
CA ASP H 41 -24.12 19.53 24.47
C ASP H 41 -22.90 19.08 23.67
N VAL H 42 -21.79 19.83 23.76
CA VAL H 42 -20.57 19.46 23.05
C VAL H 42 -20.05 18.11 23.55
N GLN H 43 -20.01 17.92 24.87
CA GLN H 43 -19.58 16.65 25.42
C GLN H 43 -20.44 15.51 24.89
N ALA H 44 -21.76 15.69 24.90
CA ALA H 44 -22.66 14.65 24.39
C ALA H 44 -22.36 14.34 22.93
N ASN H 45 -22.24 15.38 22.10
CA ASN H 45 -21.96 15.16 20.68
C ASN H 45 -20.62 14.47 20.48
N THR H 46 -19.65 14.74 21.37
CA THR H 46 -18.34 14.10 21.26
C THR H 46 -18.42 12.62 21.58
N VAL H 47 -19.09 12.26 22.69
CA VAL H 47 -19.20 10.84 23.03
C VAL H 47 -19.96 10.10 21.94
N LEU H 48 -21.10 10.66 21.49
CA LEU H 48 -21.82 10.03 20.38
C LEU H 48 -20.91 9.89 19.16
N GLY H 49 -20.08 10.90 18.90
CA GLY H 49 -19.16 10.81 17.78
C GLY H 49 -18.21 9.65 17.91
N ALA H 50 -17.59 9.50 19.07
CA ALA H 50 -16.69 8.37 19.29
C ALA H 50 -17.41 7.04 19.10
N GLU H 51 -18.65 6.94 19.61
CA GLU H 51 -19.42 5.72 19.47
C GLU H 51 -19.65 5.37 18.00
N VAL H 52 -20.23 6.32 17.25
CA VAL H 52 -20.46 6.08 15.83
C VAL H 52 -19.15 5.71 15.15
N GLU H 53 -18.08 6.45 15.48
CA GLU H 53 -16.76 6.17 14.92
C GLU H 53 -16.35 4.73 15.16
N ALA H 54 -16.65 4.20 16.34
CA ALA H 54 -16.35 2.80 16.61
C ALA H 54 -17.11 1.91 15.64
N ILE H 55 -18.42 2.17 15.48
CA ILE H 55 -19.21 1.33 14.58
C ILE H 55 -18.64 1.37 13.16
N VAL H 56 -18.22 2.55 12.69
CA VAL H 56 -17.65 2.62 11.34
C VAL H 56 -16.32 1.90 11.29
N LYS H 57 -15.52 2.01 12.34
CA LYS H 57 -14.26 1.27 12.40
C LYS H 57 -14.52 -0.21 12.20
N GLY H 58 -15.61 -0.72 12.75
CA GLY H 58 -15.93 -2.14 12.60
C GLY H 58 -16.44 -2.48 11.21
N VAL H 59 -17.38 -1.67 10.70
CA VAL H 59 -18.13 -2.05 9.50
C VAL H 59 -17.36 -1.70 8.22
N CYS H 60 -16.62 -0.61 8.19
CA CYS H 60 -16.10 -0.08 6.93
C CYS H 60 -14.76 -0.72 6.54
N LYS H 61 -14.42 -0.52 5.26
CA LYS H 61 -13.13 -0.93 4.72
C LYS H 61 -12.06 0.10 5.08
N PRO H 62 -10.78 -0.26 4.95
CA PRO H 62 -9.73 0.70 5.33
C PRO H 62 -9.73 1.96 4.49
N SER H 63 -9.90 1.84 3.17
CA SER H 63 -9.94 3.03 2.31
C SER H 63 -11.14 3.90 2.66
N GLU H 64 -12.33 3.32 2.64
CA GLU H 64 -13.55 4.05 3.00
C GLU H 64 -13.38 4.75 4.34
N PHE H 65 -12.83 4.04 5.32
CA PHE H 65 -12.60 4.63 6.64
C PHE H 65 -11.63 5.80 6.56
N ASP H 66 -10.59 5.67 5.74
CA ASP H 66 -9.65 6.78 5.60
C ASP H 66 -10.33 8.00 5.01
N LYS H 67 -11.20 7.82 4.01
CA LYS H 67 -11.95 8.95 3.50
C LYS H 67 -12.88 9.53 4.56
N PHE H 68 -13.43 8.67 5.44
CA PHE H 68 -14.26 9.14 6.54
C PHE H 68 -13.48 10.02 7.50
N ARG H 69 -12.52 9.42 8.21
CA ARG H 69 -11.67 10.17 9.12
C ARG H 69 -11.12 11.43 8.45
N MET H 70 -10.80 11.33 7.16
CA MET H 70 -10.39 12.51 6.41
C MET H 70 -11.47 13.58 6.42
N PHE H 71 -12.70 13.21 6.08
CA PHE H 71 -13.78 14.19 6.03
C PHE H 71 -14.05 14.81 7.39
N ILE H 72 -14.30 13.98 8.41
CA ILE H 72 -14.66 14.52 9.72
C ILE H 72 -13.51 15.34 10.29
N GLY H 73 -12.29 14.81 10.21
CA GLY H 73 -11.14 15.57 10.67
C GLY H 73 -11.03 16.93 10.01
N ASP H 74 -11.14 16.96 8.68
CA ASP H 74 -11.07 18.23 7.95
C ASP H 74 -12.21 19.17 8.30
N LEU H 75 -13.37 18.63 8.69
CA LEU H 75 -14.52 19.48 8.96
C LEU H 75 -14.21 20.52 10.04
N ASP H 76 -13.76 20.05 11.21
CA ASP H 76 -13.44 20.96 12.31
C ASP H 76 -12.54 22.10 11.81
N LYS H 77 -11.46 21.76 11.11
CA LYS H 77 -10.53 22.76 10.64
C LYS H 77 -11.21 23.76 9.71
N VAL H 78 -12.05 23.26 8.79
CA VAL H 78 -12.72 24.15 7.85
C VAL H 78 -13.62 25.12 8.59
N VAL H 79 -14.49 24.61 9.48
CA VAL H 79 -15.39 25.48 10.21
C VAL H 79 -14.60 26.56 10.96
N ASN H 80 -13.66 26.13 11.80
CA ASN H 80 -12.86 27.11 12.54
C ASN H 80 -12.25 28.13 11.61
N LEU H 81 -11.82 27.70 10.41
CA LEU H 81 -11.23 28.64 9.46
C LEU H 81 -12.26 29.68 9.02
N LEU H 82 -13.44 29.24 8.58
CA LEU H 82 -14.44 30.21 8.13
C LEU H 82 -14.83 31.16 9.25
N LEU H 83 -14.80 30.70 10.50
CA LEU H 83 -15.13 31.59 11.61
C LEU H 83 -14.03 32.62 11.81
N SER H 84 -12.76 32.20 11.68
CA SER H 84 -11.67 33.17 11.77
C SER H 84 -11.75 34.19 10.63
N LEU H 85 -12.09 33.74 9.43
CA LEU H 85 -12.20 34.65 8.29
C LEU H 85 -13.32 35.66 8.49
N SER H 86 -14.52 35.19 8.79
CA SER H 86 -15.62 36.12 9.04
C SER H 86 -15.30 37.06 10.19
N GLY H 87 -14.62 36.55 11.22
CA GLY H 87 -14.23 37.39 12.34
C GLY H 87 -13.30 38.52 11.99
N ARG H 88 -12.10 38.19 11.47
CA ARG H 88 -11.13 39.23 11.14
C ARG H 88 -11.65 40.13 10.03
N LEU H 89 -12.35 39.56 9.05
CA LEU H 89 -12.96 40.37 8.00
C LEU H 89 -13.92 41.38 8.61
N ALA H 90 -14.74 40.96 9.57
CA ALA H 90 -15.63 41.89 10.25
C ALA H 90 -14.84 42.93 11.04
N ARG H 91 -13.70 42.54 11.61
CA ARG H 91 -12.92 43.46 12.43
C ARG H 91 -12.33 44.58 11.57
N VAL H 92 -11.81 44.25 10.39
CA VAL H 92 -11.27 45.29 9.52
C VAL H 92 -12.42 46.08 8.87
N GLU H 93 -13.52 45.40 8.55
CA GLU H 93 -14.65 46.06 7.92
C GLU H 93 -15.26 47.11 8.83
N ASN H 94 -15.48 46.78 10.10
CA ASN H 94 -16.09 47.72 11.02
C ASN H 94 -15.21 48.93 11.30
N ALA H 95 -13.88 48.78 11.19
CA ALA H 95 -12.98 49.90 11.44
C ALA H 95 -13.21 51.07 10.51
N LEU H 96 -13.88 50.86 9.38
CA LEU H 96 -14.10 51.95 8.43
C LEU H 96 -15.03 53.01 9.04
N GLY H 106 -2.32 58.03 3.94
CA GLY H 106 -1.42 57.07 3.32
C GLY H 106 -1.49 55.71 3.99
N ASP H 107 -2.23 55.62 5.09
CA ASP H 107 -2.34 54.39 5.86
C ASP H 107 -3.50 53.54 5.37
N ARG H 108 -4.68 54.15 5.20
CA ARG H 108 -5.81 53.42 4.65
C ARG H 108 -5.45 52.81 3.30
N GLN H 109 -4.58 53.49 2.53
CA GLN H 109 -4.08 52.91 1.29
C GLN H 109 -3.47 51.53 1.55
N SER H 110 -2.77 51.39 2.68
CA SER H 110 -2.24 50.09 3.06
C SER H 110 -3.34 49.16 3.55
N LEU H 111 -4.36 49.69 4.21
CA LEU H 111 -5.44 48.84 4.70
C LEU H 111 -6.17 48.16 3.54
N LEU H 112 -6.38 48.89 2.44
CA LEU H 112 -7.07 48.32 1.29
C LEU H 112 -6.38 47.06 0.78
N GLU H 113 -5.04 47.05 0.78
CA GLU H 113 -4.32 45.85 0.33
C GLU H 113 -4.68 44.64 1.19
N LYS H 114 -4.65 44.81 2.52
CA LYS H 114 -5.08 43.76 3.42
C LYS H 114 -6.49 43.32 3.11
N GLN H 115 -7.38 44.28 2.84
CA GLN H 115 -8.75 43.95 2.45
C GLN H 115 -8.78 43.04 1.23
N ARG H 116 -7.99 43.38 0.20
CA ARG H 116 -7.96 42.59 -1.02
C ARG H 116 -7.51 41.16 -0.73
N VAL H 117 -6.33 41.00 -0.10
CA VAL H 117 -5.84 39.65 0.15
C VAL H 117 -6.84 38.87 0.99
N LEU H 118 -7.52 39.56 1.93
CA LEU H 118 -8.49 38.86 2.77
C LEU H 118 -9.67 38.34 1.96
N ILE H 119 -10.19 39.15 1.05
CA ILE H 119 -11.34 38.69 0.26
C ILE H 119 -10.93 37.55 -0.67
N GLN H 120 -9.74 37.64 -1.28
CA GLN H 120 -9.28 36.54 -2.12
C GLN H 120 -9.20 35.25 -1.30
N GLN H 121 -8.56 35.32 -0.13
CA GLN H 121 -8.51 34.17 0.76
C GLN H 121 -9.91 33.65 1.07
N HIS H 122 -10.88 34.56 1.23
CA HIS H 122 -12.25 34.13 1.50
C HIS H 122 -12.83 33.34 0.33
N GLU H 123 -12.58 33.78 -0.90
CA GLU H 123 -13.07 33.04 -2.05
C GLU H 123 -12.46 31.65 -2.11
N ASP H 124 -11.13 31.56 -1.96
CA ASP H 124 -10.48 30.26 -1.92
C ASP H 124 -11.12 29.36 -0.86
N ALA H 125 -11.29 29.89 0.35
CA ALA H 125 -11.92 29.12 1.42
C ALA H 125 -13.33 28.69 1.04
N LYS H 126 -14.05 29.50 0.27
CA LYS H 126 -15.37 29.09 -0.20
C LYS H 126 -15.26 27.89 -1.12
N GLU H 127 -14.30 27.91 -2.05
CA GLU H 127 -14.06 26.75 -2.90
C GLU H 127 -13.84 25.51 -2.05
N LEU H 128 -13.00 25.62 -1.02
CA LEU H 128 -12.78 24.49 -0.13
C LEU H 128 -14.07 24.05 0.54
N LYS H 129 -14.93 25.00 0.93
CA LYS H 129 -16.23 24.64 1.48
C LYS H 129 -17.03 23.79 0.50
N GLU H 130 -17.08 24.20 -0.76
CA GLU H 130 -17.82 23.42 -1.75
C GLU H 130 -17.25 22.00 -1.85
N ASN H 131 -15.94 21.88 -2.04
CA ASN H 131 -15.34 20.55 -2.17
C ASN H 131 -15.66 19.70 -0.95
N LEU H 132 -15.55 20.28 0.25
CA LEU H 132 -15.84 19.51 1.46
C LEU H 132 -17.28 19.04 1.47
N ASP H 133 -18.21 19.89 0.99
CA ASP H 133 -19.60 19.46 0.93
C ASP H 133 -19.76 18.26 0.00
N ARG H 134 -19.07 18.28 -1.14
CA ARG H 134 -19.06 17.11 -2.01
C ARG H 134 -18.55 15.88 -1.26
N ARG H 135 -17.45 16.03 -0.53
CA ARG H 135 -16.93 14.93 0.26
C ARG H 135 -18.00 14.40 1.23
N GLU H 136 -18.70 15.31 1.91
CA GLU H 136 -19.83 14.93 2.75
C GLU H 136 -20.81 14.06 1.98
N ARG H 137 -21.12 14.44 0.74
CA ARG H 137 -22.10 13.69 -0.03
C ARG H 137 -21.60 12.27 -0.32
N ILE H 138 -20.34 12.13 -0.75
CA ILE H 138 -19.86 10.79 -1.09
C ILE H 138 -19.77 9.91 0.15
N VAL H 139 -19.17 10.41 1.24
CA VAL H 139 -19.09 9.61 2.45
C VAL H 139 -20.49 9.26 2.92
N PHE H 140 -21.44 10.18 2.76
CA PHE H 140 -22.83 9.89 3.07
C PHE H 140 -23.34 8.72 2.24
N ASP H 141 -22.99 8.68 0.96
CA ASP H 141 -23.46 7.59 0.10
C ASP H 141 -22.89 6.26 0.56
N ILE H 142 -21.56 6.15 0.65
CA ILE H 142 -20.96 4.86 0.97
C ILE H 142 -21.40 4.39 2.35
N LEU H 143 -21.39 5.29 3.33
CA LEU H 143 -21.80 4.90 4.68
C LEU H 143 -23.28 4.56 4.72
N ALA H 144 -24.09 5.22 3.89
CA ALA H 144 -25.49 4.87 3.77
C ALA H 144 -25.65 3.45 3.26
N ASN H 145 -24.77 3.03 2.34
CA ASN H 145 -24.86 1.68 1.80
C ASN H 145 -24.42 0.66 2.82
N TYR H 146 -23.42 1.00 3.65
CA TYR H 146 -22.87 0.03 4.60
C TYR H 146 -23.74 -0.12 5.85
N LEU H 147 -24.35 0.96 6.34
CA LEU H 147 -24.92 1.00 7.68
C LEU H 147 -26.44 1.02 7.66
N SER H 148 -27.01 0.75 8.84
CA SER H 148 -28.45 0.78 9.06
C SER H 148 -28.96 2.22 9.04
N GLU H 149 -30.28 2.37 9.01
CA GLU H 149 -30.87 3.70 8.92
C GLU H 149 -30.81 4.45 10.25
N GLU H 150 -30.99 3.75 11.38
CA GLU H 150 -30.96 4.42 12.67
C GLU H 150 -29.57 4.95 12.99
N SER H 151 -28.56 4.07 12.99
CA SER H 151 -27.20 4.51 13.25
C SER H 151 -26.76 5.58 12.25
N LEU H 152 -27.24 5.50 11.02
CA LEU H 152 -26.94 6.54 10.03
C LEU H 152 -27.55 7.87 10.47
N ALA H 153 -28.81 7.85 10.90
CA ALA H 153 -29.42 9.06 11.43
C ALA H 153 -28.57 9.64 12.54
N ASP H 154 -28.03 8.77 13.41
CA ASP H 154 -27.13 9.24 14.46
C ASP H 154 -25.90 9.91 13.85
N TYR H 155 -25.40 9.36 12.74
CA TYR H 155 -24.20 9.92 12.10
C TYR H 155 -24.47 11.31 11.53
N GLU H 156 -25.48 11.44 10.67
CA GLU H 156 -25.78 12.75 10.08
C GLU H 156 -26.09 13.77 11.18
N HIS H 157 -27.00 13.42 12.09
CA HIS H 157 -27.28 14.28 13.23
C HIS H 157 -25.98 14.70 13.91
N PHE H 158 -25.03 13.76 14.04
CA PHE H 158 -23.76 14.06 14.69
C PHE H 158 -23.00 15.13 13.92
N VAL H 159 -22.86 14.98 12.61
CA VAL H 159 -22.10 15.94 11.82
C VAL H 159 -22.71 17.33 11.96
N LYS H 160 -24.02 17.43 11.72
CA LYS H 160 -24.67 18.73 11.79
C LYS H 160 -24.51 19.34 13.18
N MET H 161 -24.68 18.52 14.22
CA MET H 161 -24.54 19.01 15.59
C MET H 161 -23.12 19.51 15.86
N LYS H 162 -22.12 18.83 15.29
CA LYS H 162 -20.73 19.26 15.50
C LYS H 162 -20.51 20.64 14.92
N SER H 163 -20.77 20.78 13.61
CA SER H 163 -20.57 22.09 12.99
C SER H 163 -21.35 23.18 13.73
N ALA H 164 -22.66 22.96 13.91
CA ALA H 164 -23.50 23.97 14.55
C ALA H 164 -22.98 24.32 15.94
N LEU H 165 -22.52 23.32 16.70
CA LEU H 165 -22.02 23.61 18.05
C LEU H 165 -20.74 24.43 18.01
N ILE H 166 -19.82 24.14 17.09
CA ILE H 166 -18.62 24.98 17.01
C ILE H 166 -19.02 26.43 16.70
N ILE H 167 -19.94 26.61 15.75
CA ILE H 167 -20.38 27.96 15.39
C ILE H 167 -21.02 28.67 16.60
N GLU H 168 -22.19 28.18 17.01
CA GLU H 168 -22.92 28.73 18.14
C GLU H 168 -21.97 29.01 19.32
N GLN H 169 -21.07 28.06 19.59
CA GLN H 169 -20.12 28.23 20.67
C GLN H 169 -19.26 29.47 20.46
N ARG H 170 -18.70 29.63 19.27
CA ARG H 170 -17.83 30.79 19.02
C ARG H 170 -18.63 32.09 19.12
N GLU H 171 -19.86 32.10 18.58
CA GLU H 171 -20.70 33.29 18.72
C GLU H 171 -20.88 33.66 20.18
N LEU H 172 -21.30 32.69 21.00
CA LEU H 172 -21.50 32.96 22.42
C LEU H 172 -20.22 33.47 23.06
N GLU H 173 -19.10 32.78 22.83
CA GLU H 173 -17.84 33.22 23.42
C GLU H 173 -17.55 34.66 23.05
N ASP H 174 -17.83 35.05 21.80
CA ASP H 174 -17.64 36.44 21.41
C ASP H 174 -18.52 37.36 22.27
N LYS H 175 -19.80 37.03 22.40
CA LYS H 175 -20.69 37.88 23.21
C LYS H 175 -20.17 38.01 24.64
N ILE H 176 -19.92 36.90 25.32
CA ILE H 176 -19.48 36.97 26.71
C ILE H 176 -18.18 37.76 26.84
N HIS H 177 -17.24 37.54 25.91
CA HIS H 177 -15.98 38.25 25.97
C HIS H 177 -16.20 39.76 25.86
N LEU H 178 -16.92 40.18 24.81
CA LEU H 178 -17.24 41.61 24.66
C LEU H 178 -17.91 42.15 25.91
N GLY H 179 -18.93 41.45 26.40
CA GLY H 179 -19.61 41.89 27.61
C GLY H 179 -18.65 42.09 28.76
N GLU H 180 -17.72 41.16 28.97
CA GLU H 180 -16.72 41.34 30.00
C GLU H 180 -15.89 42.60 29.76
N GLU H 181 -15.53 42.85 28.51
CA GLU H 181 -14.78 44.07 28.19
C GLU H 181 -15.57 45.32 28.58
N GLN H 182 -16.86 45.36 28.21
CA GLN H 182 -17.68 46.51 28.55
C GLN H 182 -17.79 46.67 30.06
N LEU H 183 -17.98 45.56 30.77
CA LEU H 183 -18.05 45.62 32.23
C LEU H 183 -16.78 46.24 32.78
N LYS H 184 -15.62 45.76 32.33
CA LYS H 184 -14.34 46.34 32.76
C LYS H 184 -14.33 47.84 32.49
N CYS H 185 -14.70 48.23 31.28
CA CYS H 185 -14.76 49.64 30.93
C CYS H 185 -15.62 50.43 31.92
N LEU H 186 -16.72 49.82 32.37
CA LEU H 186 -17.66 50.52 33.24
C LEU H 186 -17.12 50.68 34.65
N LEU H 187 -16.47 49.66 35.18
CA LEU H 187 -16.03 49.66 36.57
C LEU H 187 -14.90 50.66 36.79
N ASP H 188 -15.22 51.95 36.69
CA ASP H 188 -14.23 53.00 36.88
C ASP H 188 -14.88 54.24 37.50
#